data_4LOG
#
_entry.id   4LOG
#
_cell.length_a   89.435
_cell.length_b   184.936
_cell.length_c   85.970
_cell.angle_alpha   90.00
_cell.angle_beta   90.00
_cell.angle_gamma   90.00
#
_symmetry.space_group_name_H-M   'P 21 21 2'
#
loop_
_entity.id
_entity.type
_entity.pdbx_description
1 polymer 'Maltose ABC transporter periplasmic protein and NR2E3 protein chimeric construct'
2 water water
#
_entity_poly.entity_id   1
_entity_poly.type   'polypeptide(L)'
_entity_poly.pdbx_seq_one_letter_code
;MAKIEEGKLVIWINGDKGYNGLAEVGKKFEKDTGIKVTVEHPDKLEEKFPQVAATGDGPDIIFWAHDRFGGYAQSGLLAE
ITPDKAFQDKLYPFTWDAVRYNGKLIAYPIAVEALSLIYNKDLLPNPPKTWEEIPALDKELKAKGKSALMFNLQEPYFTW
PLIAADGGYAFKYENGKYDIKDVGVDNAGAKAGLTFLVDLIKNKHMNADTDYSIAEAAFNKGETAMTINGPWAWSNIDTS
KVNYGVTVLPTFKGQPSKPFVGVLSAGINAASPNKELAKEFLENYLLTDEGLEAVNKDKPLGAVALKSYEEELAKDPRIA
ATMENAQKGEIMPNIPQMSAFWYAVRTAVINAASGRQTVDEALKDAQTNAAAEFLDSIHETSARLLFMAVKWAKNLPVFS
SLPFRDQVILLEEAWSELFLLGAIQWSLPLDSCPLLAPPEASAAGGAQGRLTLASMETRVLQETISRFRALAVDPTEFAC
MKALVLFKPETRGLKDPEHVEALQDQSQVMLSQHSKAHHPSQPVRFGKLLLLLPSLRFITAERIELLFFRKTIGNTPMEK
LLSDMFKNHHHHHH
;
_entity_poly.pdbx_strand_id   A,B
#
# COMPACT_ATOMS: atom_id res chain seq x y z
N GLU A 5 -0.19 37.81 11.71
CA GLU A 5 -0.24 36.42 12.27
C GLU A 5 -0.89 36.39 13.65
N GLU A 6 -0.94 37.53 14.31
CA GLU A 6 -1.48 37.66 15.67
C GLU A 6 -2.57 38.69 15.79
N GLY A 7 -2.83 39.43 14.72
CA GLY A 7 -3.94 40.38 14.67
C GLY A 7 -4.85 40.18 13.49
N LYS A 8 -4.70 39.04 12.83
CA LYS A 8 -5.49 38.68 11.67
C LYS A 8 -5.67 37.17 11.66
N LEU A 9 -6.60 36.67 10.87
CA LEU A 9 -6.85 35.22 10.82
C LEU A 9 -6.75 34.57 9.41
N VAL A 10 -5.98 33.48 9.34
CA VAL A 10 -5.80 32.72 8.10
C VAL A 10 -6.64 31.44 8.12
N ILE A 11 -7.40 31.21 7.06
CA ILE A 11 -8.27 30.03 6.97
C ILE A 11 -7.77 29.04 5.92
N TRP A 12 -8.09 27.77 6.14
CA TRP A 12 -7.81 26.70 5.20
C TRP A 12 -9.08 25.94 4.90
N ILE A 13 -9.45 25.91 3.61
CA ILE A 13 -10.62 25.17 3.16
C ILE A 13 -10.38 24.51 1.80
N ASN A 14 -10.85 23.28 1.63
CA ASN A 14 -10.65 22.55 0.36
C ASN A 14 -11.21 23.25 -0.86
N GLY A 15 -10.63 22.96 -2.03
CA GLY A 15 -11.05 23.58 -3.32
C GLY A 15 -12.43 23.23 -3.87
N ASP A 16 -13.01 22.12 -3.41
CA ASP A 16 -14.34 21.70 -3.84
C ASP A 16 -15.47 22.40 -3.06
N LYS A 17 -15.11 23.48 -2.36
CA LYS A 17 -16.04 24.24 -1.51
C LYS A 17 -16.07 25.67 -2.01
N GLY A 18 -17.02 26.45 -1.53
CA GLY A 18 -17.16 27.84 -1.98
C GLY A 18 -16.09 28.75 -1.44
N TYR A 19 -14.83 28.40 -1.66
CA TYR A 19 -13.68 29.12 -1.07
C TYR A 19 -13.62 30.57 -1.48
N ASN A 20 -14.22 30.89 -2.62
CA ASN A 20 -14.31 32.28 -3.06
C ASN A 20 -15.49 32.98 -2.40
N GLY A 21 -16.53 32.23 -2.08
CA GLY A 21 -17.69 32.75 -1.36
C GLY A 21 -17.42 32.98 0.13
N LEU A 22 -16.34 32.38 0.62
CA LEU A 22 -15.88 32.56 2.00
C LEU A 22 -15.09 33.85 2.17
N ALA A 23 -14.21 34.13 1.22
CA ALA A 23 -13.46 35.38 1.17
C ALA A 23 -14.37 36.62 1.05
N GLU A 24 -15.57 36.46 0.47
CA GLU A 24 -16.57 37.53 0.42
C GLU A 24 -17.09 37.82 1.84
N VAL A 25 -17.06 36.79 2.67
CA VAL A 25 -17.49 36.92 4.07
C VAL A 25 -16.32 37.39 4.92
N GLY A 26 -15.10 37.02 4.53
CA GLY A 26 -13.89 37.44 5.23
C GLY A 26 -13.48 38.88 4.93
N LYS A 27 -13.76 39.33 3.70
CA LYS A 27 -13.51 40.72 3.33
C LYS A 27 -14.45 41.68 4.04
N LYS A 28 -15.73 41.33 4.17
CA LYS A 28 -16.66 42.21 4.92
C LYS A 28 -16.23 42.33 6.37
N PHE A 29 -15.66 41.25 6.89
CA PHE A 29 -15.13 41.18 8.24
C PHE A 29 -13.93 42.11 8.34
N GLU A 30 -13.02 42.02 7.38
CA GLU A 30 -11.88 42.94 7.27
C GLU A 30 -12.31 44.40 7.09
N LYS A 31 -13.46 44.60 6.47
CA LYS A 31 -14.00 45.94 6.25
C LYS A 31 -14.63 46.51 7.52
N ASP A 32 -15.12 45.65 8.42
CA ASP A 32 -15.78 46.12 9.64
C ASP A 32 -14.99 45.85 10.92
N THR A 33 -13.78 45.34 10.79
CA THR A 33 -12.97 45.03 11.96
C THR A 33 -11.50 45.37 11.76
N GLY A 34 -11.11 45.59 10.51
CA GLY A 34 -9.71 45.83 10.16
C GLY A 34 -8.87 44.58 10.25
N ILE A 35 -9.52 43.44 10.41
CA ILE A 35 -8.85 42.16 10.56
C ILE A 35 -8.72 41.46 9.21
N LYS A 36 -7.49 41.37 8.74
CA LYS A 36 -7.21 40.77 7.44
C LYS A 36 -7.66 39.31 7.47
N VAL A 37 -8.35 38.90 6.41
CA VAL A 37 -8.82 37.52 6.27
C VAL A 37 -8.37 36.94 4.94
N THR A 38 -7.40 36.04 5.02
CA THR A 38 -6.83 35.38 3.87
C THR A 38 -7.32 33.92 3.81
N VAL A 39 -8.05 33.59 2.74
CA VAL A 39 -8.52 32.22 2.52
C VAL A 39 -7.58 31.48 1.60
N GLU A 40 -7.22 30.26 1.98
CA GLU A 40 -6.28 29.46 1.21
C GLU A 40 -6.85 28.06 1.02
N HIS A 41 -6.53 27.43 -0.11
CA HIS A 41 -7.02 26.09 -0.42
C HIS A 41 -5.91 25.16 -0.83
N PRO A 42 -4.94 24.94 0.08
CA PRO A 42 -3.81 24.07 -0.21
C PRO A 42 -4.21 22.63 -0.56
N ASP A 43 -3.35 21.94 -1.29
CA ASP A 43 -3.71 20.64 -1.84
C ASP A 43 -3.81 19.63 -0.72
N LYS A 44 -2.67 19.22 -0.19
CA LYS A 44 -2.64 18.21 0.87
C LYS A 44 -3.18 18.83 2.18
N LEU A 45 -4.25 19.62 2.06
CA LEU A 45 -4.84 20.37 3.17
C LEU A 45 -5.05 19.53 4.43
N GLU A 46 -5.86 18.49 4.29
CA GLU A 46 -6.15 17.58 5.40
C GLU A 46 -4.90 16.94 5.99
N GLU A 47 -3.83 16.85 5.21
CA GLU A 47 -2.56 16.24 5.67
C GLU A 47 -1.49 17.27 6.06
N LYS A 48 -1.59 18.47 5.47
CA LYS A 48 -0.68 19.58 5.78
C LYS A 48 -0.98 20.16 7.16
N PHE A 49 -2.27 20.34 7.46
CA PHE A 49 -2.64 20.88 8.76
C PHE A 49 -1.93 20.17 9.90
N PRO A 50 -2.04 18.84 9.99
CA PRO A 50 -1.41 18.10 11.09
C PRO A 50 0.11 18.25 11.17
N GLN A 51 0.70 19.02 10.25
CA GLN A 51 2.14 19.28 10.24
C GLN A 51 2.44 20.66 10.80
N VAL A 52 1.90 21.69 10.15
CA VAL A 52 2.09 23.09 10.56
C VAL A 52 1.58 23.37 11.97
N ALA A 53 0.43 22.77 12.31
CA ALA A 53 -0.20 22.93 13.63
C ALA A 53 0.49 22.09 14.70
N ALA A 54 0.88 20.86 14.32
CA ALA A 54 1.55 19.92 15.24
C ALA A 54 2.66 20.57 16.05
N THR A 55 3.29 21.58 15.48
CA THR A 55 4.33 22.34 16.16
C THR A 55 3.83 23.72 16.59
N GLY A 56 3.80 24.67 15.64
CA GLY A 56 3.38 26.02 15.96
C GLY A 56 3.30 26.89 14.73
N ASP A 57 2.33 26.57 13.88
CA ASP A 57 2.08 27.35 12.66
C ASP A 57 0.79 26.87 11.99
N GLY A 58 0.45 27.48 10.85
CA GLY A 58 -0.72 27.08 10.10
C GLY A 58 -1.83 28.09 10.27
N PRO A 59 -3.05 27.71 9.85
CA PRO A 59 -4.18 28.61 9.88
C PRO A 59 -4.80 28.71 11.26
N ASP A 60 -5.55 29.79 11.48
CA ASP A 60 -6.27 30.01 12.73
C ASP A 60 -7.52 29.12 12.76
N ILE A 61 -8.16 29.01 11.61
CA ILE A 61 -9.36 28.19 11.48
C ILE A 61 -9.22 27.25 10.28
N ILE A 62 -9.69 26.00 10.45
CA ILE A 62 -9.65 24.98 9.37
C ILE A 62 -11.02 24.33 9.10
N PHE A 63 -11.40 24.29 7.82
CA PHE A 63 -12.65 23.63 7.42
C PHE A 63 -12.38 22.21 6.90
N TRP A 64 -13.21 21.26 7.34
CA TRP A 64 -13.12 19.88 6.87
C TRP A 64 -14.13 18.97 7.54
N ALA A 65 -14.32 17.80 6.96
CA ALA A 65 -15.20 16.78 7.51
C ALA A 65 -14.93 16.58 9.00
N HIS A 66 -15.98 16.32 9.78
CA HIS A 66 -15.82 16.16 11.21
C HIS A 66 -14.97 14.96 11.57
N ASP A 67 -15.08 13.91 10.78
CA ASP A 67 -14.34 12.67 11.02
C ASP A 67 -12.87 12.97 11.35
N ARG A 68 -12.19 13.60 10.40
CA ARG A 68 -10.77 13.94 10.52
C ARG A 68 -10.46 14.71 11.79
N PHE A 69 -11.37 15.56 12.23
CA PHE A 69 -11.22 16.38 13.45
C PHE A 69 -11.05 15.58 14.72
N GLY A 70 -11.20 14.27 14.61
CA GLY A 70 -10.92 13.39 15.75
C GLY A 70 -9.44 13.24 16.04
N GLY A 71 -8.65 13.02 14.99
CA GLY A 71 -7.20 12.88 15.14
C GLY A 71 -6.57 14.14 15.71
N TYR A 72 -7.05 15.28 15.23
CA TYR A 72 -6.56 16.59 15.65
C TYR A 72 -6.79 16.85 17.12
N ALA A 73 -8.04 16.71 17.56
CA ALA A 73 -8.40 16.86 18.97
C ALA A 73 -7.57 15.98 19.89
N GLN A 74 -7.25 14.77 19.42
CA GLN A 74 -6.40 13.81 20.14
C GLN A 74 -4.94 14.30 20.26
N SER A 75 -4.49 15.02 19.24
CA SER A 75 -3.17 15.62 19.22
C SER A 75 -3.16 17.09 19.71
N GLY A 76 -4.16 17.49 20.50
CA GLY A 76 -4.27 18.88 20.95
C GLY A 76 -4.09 19.92 19.84
N LEU A 77 -4.36 19.52 18.60
CA LEU A 77 -4.20 20.41 17.47
C LEU A 77 -5.37 21.37 17.33
N LEU A 78 -6.46 21.12 18.06
CA LEU A 78 -7.68 21.94 17.93
C LEU A 78 -8.04 22.62 19.26
N ALA A 79 -8.47 23.86 19.16
CA ALA A 79 -8.87 24.60 20.34
C ALA A 79 -10.30 24.27 20.72
N GLU A 80 -10.58 24.31 22.01
CA GLU A 80 -11.91 24.04 22.50
C GLU A 80 -12.77 25.27 22.23
N ILE A 81 -13.78 25.14 21.37
CA ILE A 81 -14.65 26.27 21.08
C ILE A 81 -15.62 26.37 22.26
N THR A 82 -16.21 27.54 22.42
CA THR A 82 -17.06 27.81 23.57
C THR A 82 -18.26 28.69 23.18
N PRO A 83 -19.24 28.10 22.45
CA PRO A 83 -20.47 28.78 22.09
C PRO A 83 -21.47 28.78 23.22
N ASP A 84 -22.24 29.88 23.33
CA ASP A 84 -23.26 30.00 24.37
C ASP A 84 -24.45 29.14 24.03
N LYS A 85 -25.16 28.68 25.04
CA LYS A 85 -26.37 27.88 24.83
C LYS A 85 -27.33 28.59 23.85
N ALA A 86 -27.31 29.93 23.85
CA ALA A 86 -28.12 30.74 22.93
C ALA A 86 -27.71 30.56 21.47
N PHE A 87 -26.46 30.20 21.24
CA PHE A 87 -25.96 29.98 19.89
C PHE A 87 -26.12 28.53 19.46
N GLN A 88 -25.99 27.61 20.42
CA GLN A 88 -26.06 26.17 20.15
C GLN A 88 -27.43 25.78 19.65
N ASP A 89 -28.44 26.56 20.03
CA ASP A 89 -29.81 26.32 19.59
C ASP A 89 -30.06 26.71 18.12
N LYS A 90 -29.25 27.62 17.60
CA LYS A 90 -29.39 28.04 16.20
C LYS A 90 -29.05 26.92 15.21
N LEU A 91 -28.31 25.91 15.68
CA LEU A 91 -27.93 24.74 14.86
C LEU A 91 -28.62 23.48 15.36
N TYR A 92 -28.86 22.53 14.45
CA TYR A 92 -29.54 21.29 14.82
C TYR A 92 -28.75 20.58 15.93
N PRO A 93 -29.42 20.21 17.03
CA PRO A 93 -28.77 19.55 18.17
C PRO A 93 -27.90 18.33 17.80
N PHE A 94 -28.31 17.60 16.77
CA PHE A 94 -27.59 16.39 16.39
C PHE A 94 -26.26 16.72 15.72
N THR A 95 -26.17 17.89 15.09
CA THR A 95 -24.91 18.32 14.44
C THR A 95 -23.77 18.50 15.44
N TRP A 96 -24.09 18.95 16.64
CA TRP A 96 -23.08 19.13 17.70
C TRP A 96 -22.41 17.87 18.07
N ASP A 97 -23.16 16.76 18.07
CA ASP A 97 -22.63 15.44 18.44
C ASP A 97 -21.66 14.91 17.39
N ALA A 98 -21.47 15.67 16.32
CA ALA A 98 -20.52 15.33 15.25
C ALA A 98 -19.18 16.01 15.46
N VAL A 99 -19.18 17.11 16.21
CA VAL A 99 -17.98 17.90 16.43
C VAL A 99 -17.61 17.84 17.92
N ARG A 100 -18.11 16.85 18.62
CA ARG A 100 -17.75 16.69 20.01
C ARG A 100 -16.54 15.76 20.16
N TYR A 101 -15.90 15.87 21.33
CA TYR A 101 -14.76 15.02 21.67
C TYR A 101 -14.50 15.09 23.17
N ASN A 102 -14.51 13.96 23.84
CA ASN A 102 -14.34 13.92 25.29
C ASN A 102 -15.28 14.89 26.00
N GLY A 103 -16.45 15.13 25.39
CA GLY A 103 -17.43 16.01 25.97
C GLY A 103 -17.17 17.48 25.70
N LYS A 104 -16.08 17.76 24.99
CA LYS A 104 -15.73 19.14 24.66
C LYS A 104 -16.02 19.43 23.19
N LEU A 105 -16.72 20.52 22.92
CA LEU A 105 -16.89 20.97 21.55
C LEU A 105 -15.51 21.38 20.98
N ILE A 106 -15.18 20.89 19.80
CA ILE A 106 -13.89 21.17 19.17
C ILE A 106 -14.02 21.68 17.75
N ALA A 107 -15.23 22.06 17.34
CA ALA A 107 -15.45 22.66 16.00
C ALA A 107 -16.88 23.14 15.83
N TYR A 108 -17.10 24.00 14.85
CA TYR A 108 -18.43 24.53 14.57
C TYR A 108 -19.04 23.84 13.36
N PRO A 109 -20.15 23.12 13.54
CA PRO A 109 -20.81 22.48 12.40
C PRO A 109 -21.28 23.52 11.42
N ILE A 110 -21.23 23.24 10.13
CA ILE A 110 -21.71 24.22 9.16
C ILE A 110 -22.59 23.63 8.05
N ALA A 111 -22.25 22.43 7.55
CA ALA A 111 -23.01 21.80 6.47
C ALA A 111 -23.10 20.28 6.61
N VAL A 112 -24.31 19.78 6.41
CA VAL A 112 -24.60 18.35 6.55
C VAL A 112 -24.71 17.73 5.18
N GLU A 113 -24.28 16.47 5.08
CA GLU A 113 -24.40 15.70 3.85
C GLU A 113 -24.61 14.21 4.10
N ALA A 114 -25.42 13.60 3.24
CA ALA A 114 -25.78 12.21 3.37
C ALA A 114 -26.35 11.68 2.06
N LEU A 115 -26.16 10.38 1.82
CA LEU A 115 -26.75 9.69 0.64
C LEU A 115 -28.25 9.76 0.70
N SER A 116 -28.87 10.15 -0.42
CA SER A 116 -30.32 10.12 -0.56
C SER A 116 -30.76 9.12 -1.62
N LEU A 117 -32.07 9.08 -1.90
CA LEU A 117 -32.58 8.26 -2.99
C LEU A 117 -32.87 9.17 -4.18
N ILE A 118 -32.08 9.04 -5.24
CA ILE A 118 -32.32 9.78 -6.49
C ILE A 118 -33.03 8.87 -7.49
N TYR A 119 -34.04 9.40 -8.15
CA TYR A 119 -34.84 8.63 -9.10
C TYR A 119 -35.20 9.46 -10.31
N ASN A 120 -35.75 8.78 -11.32
CA ASN A 120 -36.20 9.41 -12.56
C ASN A 120 -37.73 9.59 -12.56
N LYS A 121 -38.18 10.85 -12.57
CA LYS A 121 -39.62 11.15 -12.57
C LYS A 121 -40.31 10.61 -13.82
N ASP A 122 -39.64 10.74 -14.96
CA ASP A 122 -40.18 10.24 -16.24
C ASP A 122 -40.39 8.72 -16.19
N LEU A 123 -39.34 7.98 -15.81
CA LEU A 123 -39.43 6.52 -15.71
C LEU A 123 -40.17 6.03 -14.46
N LEU A 124 -39.98 6.70 -13.34
CA LEU A 124 -40.54 6.23 -12.05
C LEU A 124 -41.11 7.40 -11.27
N PRO A 125 -42.36 7.79 -11.56
CA PRO A 125 -42.97 8.95 -10.91
C PRO A 125 -43.32 8.72 -9.44
N ASN A 126 -43.06 7.51 -8.92
CA ASN A 126 -43.34 7.15 -7.54
C ASN A 126 -42.38 6.08 -7.03
N PRO A 127 -41.29 6.50 -6.38
CA PRO A 127 -40.28 5.58 -5.88
C PRO A 127 -40.78 4.71 -4.74
N PRO A 128 -40.24 3.50 -4.61
CA PRO A 128 -40.63 2.64 -3.52
C PRO A 128 -40.21 3.18 -2.17
N LYS A 129 -41.05 3.00 -1.17
CA LYS A 129 -40.76 3.45 0.17
C LYS A 129 -39.95 2.41 0.91
N THR A 130 -39.90 1.18 0.41
CA THR A 130 -39.14 0.12 1.08
C THR A 130 -38.23 -0.63 0.12
N TRP A 131 -37.26 -1.33 0.68
CA TRP A 131 -36.36 -2.15 -0.09
C TRP A 131 -37.04 -3.38 -0.61
N GLU A 132 -37.78 -4.05 0.28
CA GLU A 132 -38.49 -5.27 -0.09
C GLU A 132 -39.21 -5.17 -1.42
N GLU A 133 -39.70 -3.99 -1.77
CA GLU A 133 -40.47 -3.87 -2.99
C GLU A 133 -39.62 -3.45 -4.17
N ILE A 134 -38.31 -3.63 -4.05
CA ILE A 134 -37.37 -3.30 -5.14
C ILE A 134 -37.18 -4.42 -6.18
N PRO A 135 -37.04 -5.67 -5.72
CA PRO A 135 -36.90 -6.82 -6.64
C PRO A 135 -37.99 -6.91 -7.73
N ALA A 136 -39.23 -7.09 -7.28
CA ALA A 136 -40.38 -7.12 -8.18
C ALA A 136 -40.55 -5.81 -8.91
N LEU A 137 -39.84 -4.78 -8.50
CA LEU A 137 -39.92 -3.50 -9.20
C LEU A 137 -39.01 -3.50 -10.42
N ASP A 138 -37.93 -4.27 -10.35
CA ASP A 138 -36.96 -4.29 -11.43
C ASP A 138 -37.52 -5.03 -12.62
N LYS A 139 -38.26 -6.12 -12.35
CA LYS A 139 -38.98 -6.89 -13.39
C LYS A 139 -39.82 -5.99 -14.32
N GLU A 140 -40.73 -5.23 -13.74
CA GLU A 140 -41.57 -4.29 -14.50
C GLU A 140 -40.77 -3.35 -15.40
N LEU A 141 -39.75 -2.70 -14.85
CA LEU A 141 -38.89 -1.78 -15.60
C LEU A 141 -37.98 -2.49 -16.61
N LYS A 142 -37.63 -3.74 -16.32
CA LYS A 142 -36.74 -4.53 -17.20
C LYS A 142 -37.37 -4.84 -18.58
N ALA A 143 -38.70 -4.92 -18.60
CA ALA A 143 -39.43 -5.14 -19.83
C ALA A 143 -39.20 -3.99 -20.79
N LYS A 144 -39.43 -2.75 -20.33
CA LYS A 144 -39.25 -1.55 -21.17
C LYS A 144 -37.76 -1.19 -21.34
N GLY A 145 -36.88 -2.19 -21.24
CA GLY A 145 -35.45 -2.00 -21.55
C GLY A 145 -34.78 -1.00 -20.65
N LYS A 146 -34.91 -1.21 -19.35
CA LYS A 146 -34.37 -0.30 -18.33
C LYS A 146 -33.92 -1.09 -17.10
N SER A 147 -33.66 -0.38 -16.01
CA SER A 147 -33.30 -1.00 -14.73
C SER A 147 -33.90 -0.24 -13.54
N ALA A 148 -34.18 -0.94 -12.45
CA ALA A 148 -34.82 -0.32 -11.29
C ALA A 148 -33.81 0.57 -10.52
N LEU A 149 -32.85 -0.08 -9.86
CA LEU A 149 -31.90 0.60 -9.00
C LEU A 149 -30.45 0.34 -9.41
N MET A 150 -29.64 1.39 -9.38
CA MET A 150 -28.20 1.27 -9.64
C MET A 150 -27.38 2.23 -8.76
N PHE A 151 -26.49 1.66 -7.96
CA PHE A 151 -25.60 2.48 -7.14
C PHE A 151 -24.29 1.77 -6.90
N ASN A 152 -23.23 2.57 -6.71
CA ASN A 152 -21.90 2.05 -6.46
C ASN A 152 -21.92 1.05 -5.32
N LEU A 153 -21.80 -0.23 -5.65
CA LEU A 153 -21.72 -1.28 -4.64
C LEU A 153 -20.30 -1.54 -4.16
N GLN A 154 -19.33 -0.82 -4.74
CA GLN A 154 -17.90 -1.04 -4.40
C GLN A 154 -17.49 -0.50 -3.03
N GLU A 155 -17.95 0.69 -2.68
CA GLU A 155 -17.61 1.29 -1.39
C GLU A 155 -18.63 0.93 -0.30
N PRO A 156 -18.15 0.58 0.92
CA PRO A 156 -19.02 0.29 2.07
C PRO A 156 -19.84 1.51 2.49
N TYR A 157 -19.30 2.69 2.26
CA TYR A 157 -20.02 3.92 2.48
C TYR A 157 -21.35 3.95 1.75
N PHE A 158 -21.40 3.32 0.58
CA PHE A 158 -22.64 3.33 -0.22
C PHE A 158 -23.62 2.22 0.10
N THR A 159 -23.17 1.15 0.76
CA THR A 159 -24.00 0.01 1.05
C THR A 159 -24.32 -0.17 2.54
N TRP A 160 -23.77 0.70 3.37
CA TRP A 160 -24.01 0.65 4.82
C TRP A 160 -25.40 1.03 5.23
N PRO A 161 -25.99 2.03 4.54
CA PRO A 161 -27.32 2.46 4.91
C PRO A 161 -28.30 1.32 5.06
N LEU A 162 -28.16 0.33 4.17
CA LEU A 162 -29.06 -0.82 4.10
C LEU A 162 -28.68 -1.82 5.14
N ILE A 163 -27.39 -2.09 5.23
CA ILE A 163 -26.85 -3.05 6.23
C ILE A 163 -27.18 -2.62 7.69
N ALA A 164 -27.07 -1.32 7.95
CA ALA A 164 -27.33 -0.74 9.27
C ALA A 164 -28.82 -0.70 9.57
N ALA A 165 -29.62 -0.50 8.52
CA ALA A 165 -31.08 -0.31 8.63
C ALA A 165 -31.73 -1.06 9.81
N ASP A 166 -31.44 -2.35 9.94
CA ASP A 166 -32.09 -3.15 10.95
C ASP A 166 -31.27 -3.36 12.22
N GLY A 167 -30.35 -2.46 12.51
CA GLY A 167 -29.61 -2.57 13.77
C GLY A 167 -28.11 -2.45 13.65
N GLY A 168 -27.57 -2.69 12.45
CA GLY A 168 -26.15 -2.56 12.22
C GLY A 168 -25.62 -1.20 12.62
N TYR A 169 -24.38 -1.19 13.11
CA TYR A 169 -23.73 0.06 13.52
C TYR A 169 -22.22 -0.16 13.56
N ALA A 170 -21.46 0.92 13.42
CA ALA A 170 -20.01 0.85 13.45
C ALA A 170 -19.50 0.65 14.89
N PHE A 171 -19.39 1.74 15.65
CA PHE A 171 -18.98 1.66 17.06
C PHE A 171 -20.06 2.26 17.96
N LYS A 172 -20.37 1.59 19.08
CA LYS A 172 -21.42 2.07 19.96
C LYS A 172 -21.09 3.44 20.53
N TYR A 173 -22.06 4.33 20.48
CA TYR A 173 -21.90 5.71 20.95
C TYR A 173 -22.63 5.82 22.27
N GLU A 174 -21.91 5.57 23.37
CA GLU A 174 -22.51 5.60 24.70
C GLU A 174 -22.36 6.99 25.31
N ASN A 175 -21.54 7.11 26.35
CA ASN A 175 -21.42 8.36 27.09
C ASN A 175 -20.46 9.34 26.45
N GLY A 176 -20.99 10.21 25.59
CA GLY A 176 -20.19 11.26 24.94
C GLY A 176 -19.12 10.81 23.94
N LYS A 177 -18.69 9.55 23.99
CA LYS A 177 -17.67 9.04 23.08
C LYS A 177 -17.99 7.61 22.61
N TYR A 178 -17.08 7.03 21.82
CA TYR A 178 -17.24 5.71 21.23
C TYR A 178 -16.55 4.61 22.05
N ASP A 179 -16.84 3.37 21.69
CA ASP A 179 -16.23 2.21 22.32
C ASP A 179 -15.66 1.30 21.23
N ILE A 180 -14.39 1.50 20.90
CA ILE A 180 -13.69 0.72 19.85
C ILE A 180 -13.91 -0.79 19.95
N LYS A 181 -14.19 -1.28 21.15
CA LYS A 181 -14.37 -2.71 21.37
C LYS A 181 -15.73 -3.21 20.90
N ASP A 182 -16.78 -2.39 21.06
CA ASP A 182 -18.15 -2.78 20.69
C ASP A 182 -18.48 -2.43 19.24
N VAL A 183 -18.54 -3.44 18.40
CA VAL A 183 -18.78 -3.23 16.98
C VAL A 183 -19.99 -4.02 16.54
N GLY A 184 -20.96 -3.32 15.96
CA GLY A 184 -22.22 -3.94 15.53
C GLY A 184 -22.28 -4.16 14.04
N VAL A 185 -21.36 -4.96 13.51
CA VAL A 185 -21.35 -5.30 12.10
C VAL A 185 -21.79 -6.73 11.83
N ASP A 186 -21.71 -7.58 12.85
CA ASP A 186 -22.19 -8.94 12.73
C ASP A 186 -23.32 -9.14 13.71
N ASN A 187 -24.31 -8.26 13.61
CA ASN A 187 -25.55 -8.31 14.39
C ASN A 187 -26.65 -9.08 13.68
N ALA A 188 -27.81 -9.15 14.31
CA ALA A 188 -29.00 -9.73 13.71
C ALA A 188 -29.39 -8.93 12.46
N GLY A 189 -29.71 -7.66 12.70
CA GLY A 189 -30.10 -6.76 11.64
C GLY A 189 -28.96 -6.43 10.68
N ALA A 190 -27.78 -6.96 10.94
CA ALA A 190 -26.62 -6.76 10.07
C ALA A 190 -26.63 -7.77 8.92
N LYS A 191 -26.75 -9.05 9.25
CA LYS A 191 -26.86 -10.13 8.26
C LYS A 191 -28.16 -9.95 7.47
N ALA A 192 -29.15 -9.34 8.11
CA ALA A 192 -30.42 -9.09 7.46
C ALA A 192 -30.24 -8.23 6.21
N GLY A 193 -29.58 -7.09 6.36
CA GLY A 193 -29.42 -6.14 5.24
C GLY A 193 -28.43 -6.59 4.17
N LEU A 194 -27.32 -7.14 4.61
CA LEU A 194 -26.33 -7.68 3.70
C LEU A 194 -26.93 -8.81 2.86
N THR A 195 -27.52 -9.81 3.51
CA THR A 195 -28.22 -10.88 2.77
C THR A 195 -29.10 -10.29 1.67
N PHE A 196 -29.98 -9.38 2.07
CA PHE A 196 -30.89 -8.78 1.13
C PHE A 196 -30.10 -8.19 -0.02
N LEU A 197 -29.01 -7.51 0.30
CA LEU A 197 -28.17 -6.91 -0.74
C LEU A 197 -27.61 -7.95 -1.71
N VAL A 198 -27.14 -9.08 -1.19
CA VAL A 198 -26.54 -10.16 -2.00
C VAL A 198 -27.59 -10.80 -2.92
N ASP A 199 -28.82 -10.90 -2.43
CA ASP A 199 -29.94 -11.40 -3.23
C ASP A 199 -30.22 -10.57 -4.49
N LEU A 200 -30.18 -9.24 -4.37
CA LEU A 200 -30.47 -8.36 -5.52
C LEU A 200 -29.59 -8.72 -6.73
N ILE A 201 -28.32 -8.97 -6.45
CA ILE A 201 -27.34 -9.40 -7.44
C ILE A 201 -27.52 -10.89 -7.75
N LYS A 202 -27.79 -11.67 -6.70
CA LYS A 202 -28.08 -13.10 -6.81
C LYS A 202 -29.32 -13.35 -7.67
N ASN A 203 -30.08 -12.32 -7.99
CA ASN A 203 -31.26 -12.42 -8.86
C ASN A 203 -31.17 -11.47 -10.04
N LYS A 204 -29.96 -11.01 -10.34
CA LYS A 204 -29.70 -10.15 -11.51
C LYS A 204 -30.51 -8.85 -11.51
N HIS A 205 -30.76 -8.30 -10.32
CA HIS A 205 -31.46 -7.03 -10.19
C HIS A 205 -30.48 -5.93 -10.03
N MET A 206 -29.20 -6.30 -9.95
CA MET A 206 -28.11 -5.39 -9.71
C MET A 206 -26.83 -6.10 -10.14
N ASN A 207 -25.71 -5.39 -10.13
CA ASN A 207 -24.43 -6.03 -10.49
C ASN A 207 -23.34 -5.81 -9.44
N ALA A 208 -22.80 -6.91 -8.91
CA ALA A 208 -21.67 -6.85 -7.96
C ALA A 208 -20.41 -6.17 -8.54
N ASP A 209 -20.50 -5.72 -9.78
CA ASP A 209 -19.41 -5.07 -10.50
C ASP A 209 -19.72 -3.59 -10.83
N THR A 210 -20.83 -3.09 -10.31
CA THR A 210 -21.22 -1.69 -10.54
C THR A 210 -20.47 -0.78 -9.55
N ASP A 211 -19.72 0.17 -10.10
CA ASP A 211 -18.95 1.13 -9.31
C ASP A 211 -19.62 2.48 -9.40
N TYR A 212 -18.91 3.52 -8.98
CA TYR A 212 -19.46 4.87 -9.02
C TYR A 212 -19.71 5.34 -10.46
N SER A 213 -18.67 5.30 -11.28
CA SER A 213 -18.75 5.83 -12.65
C SER A 213 -19.95 5.25 -13.41
N ILE A 214 -20.05 3.92 -13.34
CA ILE A 214 -21.08 3.18 -14.08
C ILE A 214 -22.48 3.61 -13.69
N ALA A 215 -22.70 3.74 -12.38
CA ALA A 215 -23.99 4.08 -11.84
C ALA A 215 -24.39 5.48 -12.25
N GLU A 216 -23.42 6.42 -12.22
CA GLU A 216 -23.65 7.84 -12.56
C GLU A 216 -24.12 7.97 -14.01
N ALA A 217 -23.43 7.26 -14.90
CA ALA A 217 -23.73 7.30 -16.33
C ALA A 217 -25.05 6.57 -16.58
N ALA A 218 -25.19 5.38 -16.01
CA ALA A 218 -26.41 4.57 -16.16
C ALA A 218 -27.66 5.37 -15.83
N PHE A 219 -27.58 6.19 -14.79
CA PHE A 219 -28.73 6.97 -14.37
C PHE A 219 -28.86 8.27 -15.19
N ASN A 220 -27.76 9.00 -15.33
CA ASN A 220 -27.76 10.31 -16.02
C ASN A 220 -28.20 10.28 -17.50
N LYS A 221 -28.26 9.08 -18.07
CA LYS A 221 -28.72 8.88 -19.45
C LYS A 221 -30.17 8.43 -19.53
N GLY A 222 -30.61 7.63 -18.57
CA GLY A 222 -31.98 7.13 -18.55
C GLY A 222 -32.06 5.62 -18.68
N GLU A 223 -30.97 4.94 -18.36
CA GLU A 223 -30.89 3.49 -18.43
C GLU A 223 -31.28 2.85 -17.10
N THR A 224 -31.55 3.71 -16.09
CA THR A 224 -31.95 3.27 -14.74
C THR A 224 -32.94 4.24 -14.11
N ALA A 225 -33.79 3.70 -13.25
CA ALA A 225 -34.88 4.46 -12.64
C ALA A 225 -34.44 5.19 -11.39
N MET A 226 -33.62 4.54 -10.58
CA MET A 226 -33.13 5.12 -9.33
C MET A 226 -31.64 4.91 -9.10
N THR A 227 -31.10 5.59 -8.10
CA THR A 227 -29.69 5.45 -7.75
C THR A 227 -29.49 5.98 -6.35
N ILE A 228 -28.35 5.67 -5.75
CA ILE A 228 -28.00 6.17 -4.41
C ILE A 228 -26.71 6.98 -4.48
N ASN A 229 -26.86 8.29 -4.31
CA ASN A 229 -25.77 9.26 -4.38
C ASN A 229 -26.01 10.51 -3.53
N GLY A 230 -24.97 11.35 -3.47
CA GLY A 230 -24.99 12.56 -2.66
C GLY A 230 -25.27 13.86 -3.41
N PRO A 231 -25.29 14.98 -2.67
CA PRO A 231 -25.51 16.31 -3.23
C PRO A 231 -24.41 16.81 -4.17
N TRP A 232 -23.33 16.04 -4.26
CA TRP A 232 -22.26 16.35 -5.20
C TRP A 232 -22.57 15.88 -6.58
N ALA A 233 -23.33 14.79 -6.70
CA ALA A 233 -23.70 14.24 -7.99
C ALA A 233 -24.84 15.02 -8.66
N TRP A 234 -25.52 15.87 -7.89
CA TRP A 234 -26.64 16.70 -8.38
C TRP A 234 -26.35 17.58 -9.59
N SER A 235 -25.48 18.56 -9.40
CA SER A 235 -25.15 19.48 -10.48
C SER A 235 -24.53 18.78 -11.69
N ASN A 236 -24.06 17.56 -11.50
CA ASN A 236 -23.48 16.77 -12.58
C ASN A 236 -24.55 16.14 -13.46
N ILE A 237 -25.80 16.14 -12.98
CA ILE A 237 -26.96 15.65 -13.71
C ILE A 237 -27.64 16.79 -14.46
N ASP A 238 -27.22 18.01 -14.16
CA ASP A 238 -27.72 19.22 -14.83
C ASP A 238 -26.95 19.52 -16.12
N THR A 239 -25.79 18.90 -16.29
CA THR A 239 -25.03 18.97 -17.54
C THR A 239 -25.87 18.23 -18.60
N SER A 240 -26.32 17.03 -18.22
CA SER A 240 -27.35 16.29 -18.94
C SER A 240 -28.65 16.81 -18.34
N LYS A 241 -29.79 16.17 -18.60
CA LYS A 241 -31.03 16.67 -17.98
C LYS A 241 -32.19 15.69 -17.93
N VAL A 242 -31.96 14.57 -17.28
CA VAL A 242 -33.04 13.64 -16.97
C VAL A 242 -33.82 14.25 -15.80
N ASN A 243 -35.15 14.33 -15.92
CA ASN A 243 -35.96 14.85 -14.82
C ASN A 243 -35.84 13.95 -13.59
N TYR A 244 -34.99 14.35 -12.65
CA TYR A 244 -34.67 13.54 -11.45
C TYR A 244 -35.29 14.13 -10.19
N GLY A 245 -35.17 13.40 -9.10
CA GLY A 245 -35.67 13.83 -7.80
C GLY A 245 -34.88 13.16 -6.70
N VAL A 246 -34.86 13.81 -5.54
CA VAL A 246 -34.13 13.31 -4.38
C VAL A 246 -35.10 13.04 -3.25
N THR A 247 -35.22 11.79 -2.82
CA THR A 247 -36.14 11.42 -1.74
C THR A 247 -35.44 10.58 -0.68
N VAL A 248 -36.18 10.27 0.38
CA VAL A 248 -35.69 9.45 1.48
C VAL A 248 -35.36 8.02 1.05
N LEU A 249 -34.29 7.46 1.58
CA LEU A 249 -33.89 6.12 1.25
C LEU A 249 -34.97 5.13 1.70
N PRO A 250 -35.08 4.01 0.96
CA PRO A 250 -36.10 3.05 1.28
C PRO A 250 -35.84 2.47 2.63
N THR A 251 -36.92 2.00 3.27
CA THR A 251 -36.88 1.40 4.59
C THR A 251 -36.60 -0.07 4.41
N PHE A 252 -36.17 -0.75 5.48
CA PHE A 252 -35.91 -2.17 5.40
C PHE A 252 -37.05 -2.92 6.07
N LYS A 253 -36.80 -3.63 7.17
CA LYS A 253 -37.87 -4.34 7.85
C LYS A 253 -38.78 -3.31 8.58
N GLY A 254 -39.15 -2.24 7.89
CA GLY A 254 -39.86 -1.11 8.48
C GLY A 254 -38.95 -0.04 9.04
N GLN A 255 -37.72 -0.42 9.38
CA GLN A 255 -36.73 0.52 9.89
C GLN A 255 -36.14 1.36 8.77
N PRO A 256 -35.92 2.65 9.00
CA PRO A 256 -35.30 3.49 7.99
C PRO A 256 -33.86 3.07 7.65
N SER A 257 -33.36 3.51 6.50
CA SER A 257 -31.96 3.31 6.15
C SER A 257 -31.10 4.27 6.93
N LYS A 258 -29.94 3.79 7.40
CA LYS A 258 -29.03 4.58 8.24
C LYS A 258 -27.72 4.93 7.52
N PRO A 259 -27.74 5.98 6.70
CA PRO A 259 -26.59 6.47 6.00
C PRO A 259 -25.60 7.14 6.94
N PHE A 260 -24.42 7.44 6.43
CA PHE A 260 -23.42 8.07 7.24
C PHE A 260 -23.53 9.57 7.05
N VAL A 261 -23.59 10.29 8.17
CA VAL A 261 -23.67 11.76 8.13
C VAL A 261 -22.29 12.38 8.18
N GLY A 262 -21.96 13.14 7.14
CA GLY A 262 -20.72 13.89 7.07
C GLY A 262 -21.00 15.36 7.34
N VAL A 263 -20.36 15.89 8.38
CA VAL A 263 -20.50 17.30 8.76
C VAL A 263 -19.26 18.14 8.44
N LEU A 264 -19.39 19.08 7.51
CA LEU A 264 -18.34 20.04 7.18
C LEU A 264 -18.31 20.98 8.33
N SER A 265 -17.30 20.86 9.17
CA SER A 265 -17.19 21.73 10.35
C SER A 265 -15.97 22.65 10.26
N ALA A 266 -15.89 23.62 11.17
CA ALA A 266 -14.79 24.60 11.20
C ALA A 266 -14.24 24.59 12.60
N GLY A 267 -13.04 24.06 12.77
CA GLY A 267 -12.37 24.04 14.09
C GLY A 267 -11.32 25.13 14.18
N ILE A 268 -11.07 25.59 15.39
CA ILE A 268 -10.09 26.66 15.64
C ILE A 268 -8.73 26.05 16.00
N ASN A 269 -7.66 26.52 15.37
CA ASN A 269 -6.31 26.06 15.68
C ASN A 269 -5.93 26.25 17.15
N ALA A 270 -5.37 25.22 17.75
CA ALA A 270 -5.07 25.25 19.18
C ALA A 270 -3.95 26.23 19.49
N ALA A 271 -3.08 26.48 18.51
CA ALA A 271 -1.97 27.41 18.67
C ALA A 271 -2.26 28.77 18.03
N SER A 272 -3.54 29.07 17.79
CA SER A 272 -3.91 30.36 17.23
C SER A 272 -4.04 31.40 18.33
N PRO A 273 -3.43 32.58 18.13
CA PRO A 273 -3.56 33.69 19.07
C PRO A 273 -4.84 34.48 18.84
N ASN A 274 -5.61 34.09 17.84
CA ASN A 274 -6.91 34.70 17.53
C ASN A 274 -8.13 33.80 17.80
N LYS A 275 -8.11 33.09 18.91
CA LYS A 275 -9.23 32.23 19.25
C LYS A 275 -10.55 33.00 19.41
N GLU A 276 -10.47 34.24 19.85
CA GLU A 276 -11.68 35.05 20.04
C GLU A 276 -12.09 35.74 18.73
N LEU A 277 -11.11 36.13 17.93
CA LEU A 277 -11.37 36.66 16.61
C LEU A 277 -12.05 35.61 15.75
N ALA A 278 -11.37 34.47 15.59
CA ALA A 278 -11.89 33.30 14.88
C ALA A 278 -13.30 32.96 15.34
N LYS A 279 -13.50 32.94 16.64
CA LYS A 279 -14.81 32.65 17.20
C LYS A 279 -15.84 33.66 16.74
N GLU A 280 -15.51 34.94 16.87
CA GLU A 280 -16.42 36.01 16.48
C GLU A 280 -16.80 35.88 15.00
N PHE A 281 -15.78 35.61 14.17
CA PHE A 281 -15.96 35.45 12.72
C PHE A 281 -16.90 34.29 12.38
N LEU A 282 -16.78 33.19 13.11
CA LEU A 282 -17.58 32.04 12.86
C LEU A 282 -19.00 32.18 13.38
N GLU A 283 -19.19 32.88 14.50
CA GLU A 283 -20.52 33.00 15.15
C GLU A 283 -21.37 34.19 14.68
N ASN A 284 -20.74 35.33 14.45
CA ASN A 284 -21.46 36.57 14.08
C ASN A 284 -21.34 36.95 12.60
N TYR A 285 -20.68 36.12 11.80
CA TYR A 285 -20.53 36.37 10.37
C TYR A 285 -20.90 35.13 9.56
N LEU A 286 -20.04 34.12 9.60
CA LEU A 286 -20.21 32.92 8.78
C LEU A 286 -21.53 32.22 9.04
N LEU A 287 -21.71 31.68 10.25
CA LEU A 287 -22.94 30.93 10.60
C LEU A 287 -24.17 31.83 10.70
N THR A 288 -24.55 32.38 9.55
CA THR A 288 -25.70 33.29 9.46
C THR A 288 -26.31 33.14 8.07
N ASP A 289 -27.61 33.39 7.95
CA ASP A 289 -28.29 33.28 6.65
C ASP A 289 -27.46 33.96 5.57
N GLU A 290 -27.00 35.17 5.85
CA GLU A 290 -26.27 35.97 4.89
C GLU A 290 -24.87 35.37 4.72
N GLY A 291 -24.30 34.92 5.83
CA GLY A 291 -22.95 34.39 5.82
C GLY A 291 -22.84 33.13 4.99
N LEU A 292 -23.71 32.17 5.31
CA LEU A 292 -23.72 30.87 4.64
C LEU A 292 -24.04 31.02 3.15
N GLU A 293 -25.05 31.84 2.87
CA GLU A 293 -25.52 32.11 1.50
C GLU A 293 -24.37 32.48 0.57
N ALA A 294 -23.48 33.35 1.04
CA ALA A 294 -22.32 33.77 0.23
C ALA A 294 -21.46 32.59 -0.22
N VAL A 295 -21.39 31.55 0.61
CA VAL A 295 -20.59 30.39 0.27
C VAL A 295 -21.39 29.44 -0.60
N ASN A 296 -22.66 29.26 -0.27
CA ASN A 296 -23.59 28.44 -1.06
C ASN A 296 -23.61 28.93 -2.52
N LYS A 297 -23.55 30.24 -2.68
CA LYS A 297 -23.56 30.84 -4.01
C LYS A 297 -22.39 30.33 -4.87
N ASP A 298 -21.18 30.48 -4.37
CA ASP A 298 -19.99 30.04 -5.11
C ASP A 298 -20.09 28.56 -5.48
N LYS A 299 -20.41 27.74 -4.47
CA LYS A 299 -20.61 26.29 -4.64
C LYS A 299 -21.56 25.81 -3.57
N PRO A 300 -22.72 25.24 -3.96
CA PRO A 300 -23.74 24.85 -2.98
C PRO A 300 -23.20 23.90 -1.91
N LEU A 301 -23.78 23.99 -0.72
CA LEU A 301 -23.34 23.19 0.41
C LEU A 301 -24.40 22.20 0.82
N GLY A 302 -25.49 22.15 0.06
CA GLY A 302 -26.56 21.22 0.34
C GLY A 302 -27.28 21.65 1.59
N ALA A 303 -27.49 20.71 2.52
CA ALA A 303 -28.18 21.05 3.75
C ALA A 303 -27.14 21.62 4.73
N VAL A 304 -27.52 22.66 5.44
CA VAL A 304 -26.65 23.34 6.40
C VAL A 304 -27.09 23.07 7.84
N ALA A 305 -26.13 23.11 8.75
CA ALA A 305 -26.36 22.80 10.16
C ALA A 305 -27.13 23.90 10.86
N LEU A 306 -27.21 25.08 10.24
CA LEU A 306 -27.88 26.24 10.84
C LEU A 306 -29.37 26.25 10.49
N LYS A 307 -30.21 26.14 11.52
CA LYS A 307 -31.66 26.03 11.32
C LYS A 307 -32.19 27.14 10.40
N SER A 308 -31.92 28.37 10.82
CA SER A 308 -32.36 29.57 10.12
C SER A 308 -32.27 29.36 8.61
N TYR A 309 -31.05 29.08 8.14
CA TYR A 309 -30.80 29.01 6.70
C TYR A 309 -31.22 27.68 6.12
N GLU A 310 -31.35 26.66 6.97
CA GLU A 310 -31.68 25.32 6.49
C GLU A 310 -33.12 25.28 6.08
N GLU A 311 -33.99 25.86 6.92
CA GLU A 311 -35.42 25.98 6.61
C GLU A 311 -35.70 26.90 5.44
N GLU A 312 -34.70 27.65 5.00
CA GLU A 312 -34.76 28.45 3.79
C GLU A 312 -34.36 27.66 2.52
N LEU A 313 -33.51 26.65 2.70
CA LEU A 313 -33.13 25.71 1.62
C LEU A 313 -34.05 24.49 1.60
N ALA A 314 -34.82 24.29 2.67
CA ALA A 314 -35.81 23.20 2.75
C ALA A 314 -36.81 23.33 1.61
N LYS A 315 -36.98 24.56 1.11
CA LYS A 315 -37.82 24.86 -0.04
C LYS A 315 -37.42 23.93 -1.18
N ASP A 316 -36.10 23.80 -1.36
CA ASP A 316 -35.57 22.85 -2.31
C ASP A 316 -35.82 21.45 -1.76
N PRO A 317 -36.65 20.66 -2.45
CA PRO A 317 -36.98 19.30 -1.99
C PRO A 317 -35.76 18.39 -1.96
N ARG A 318 -34.85 18.59 -2.91
CA ARG A 318 -33.64 17.78 -2.99
C ARG A 318 -32.84 17.87 -1.68
N ILE A 319 -32.59 19.10 -1.24
CA ILE A 319 -31.89 19.37 0.00
C ILE A 319 -32.70 18.85 1.18
N ALA A 320 -33.97 19.24 1.23
CA ALA A 320 -34.88 18.76 2.28
C ALA A 320 -34.68 17.27 2.51
N ALA A 321 -34.56 16.53 1.40
CA ALA A 321 -34.34 15.07 1.45
C ALA A 321 -33.05 14.72 2.18
N THR A 322 -31.96 15.32 1.75
CA THR A 322 -30.63 15.10 2.33
C THR A 322 -30.63 15.23 3.86
N MET A 323 -31.20 16.32 4.34
CA MET A 323 -31.30 16.55 5.79
C MET A 323 -32.20 15.51 6.43
N GLU A 324 -33.20 15.08 5.69
CA GLU A 324 -34.14 14.07 6.18
C GLU A 324 -33.45 12.72 6.32
N ASN A 325 -32.68 12.34 5.30
CA ASN A 325 -31.98 11.07 5.31
C ASN A 325 -30.87 11.10 6.35
N ALA A 326 -30.13 12.20 6.39
CA ALA A 326 -29.03 12.39 7.35
C ALA A 326 -29.52 12.19 8.78
N GLN A 327 -30.69 12.75 9.08
CA GLN A 327 -31.24 12.68 10.42
C GLN A 327 -31.52 11.25 10.84
N LYS A 328 -31.81 10.39 9.87
CA LYS A 328 -32.14 9.00 10.17
C LYS A 328 -30.91 8.13 10.13
N GLY A 329 -29.78 8.71 9.71
CA GLY A 329 -28.50 8.02 9.66
C GLY A 329 -27.75 8.09 10.97
N GLU A 330 -26.53 7.58 10.98
CA GLU A 330 -25.64 7.69 12.14
C GLU A 330 -24.44 8.55 11.79
N ILE A 331 -24.04 9.41 12.74
CA ILE A 331 -22.86 10.27 12.58
C ILE A 331 -21.63 9.40 12.44
N MET A 332 -20.77 9.78 11.51
CA MET A 332 -19.56 9.02 11.26
C MET A 332 -18.56 9.15 12.41
N PRO A 333 -18.22 8.04 13.05
CA PRO A 333 -17.25 8.13 14.15
C PRO A 333 -15.93 8.81 13.75
N ASN A 334 -15.54 9.81 14.54
CA ASN A 334 -14.34 10.59 14.28
C ASN A 334 -13.11 9.86 14.76
N ILE A 335 -13.29 8.74 15.44
CA ILE A 335 -12.16 7.98 15.99
C ILE A 335 -11.32 7.41 14.86
N PRO A 336 -10.00 7.27 15.09
CA PRO A 336 -9.11 6.73 14.07
C PRO A 336 -9.40 5.25 13.76
N GLN A 337 -10.12 4.59 14.67
CA GLN A 337 -10.47 3.19 14.50
C GLN A 337 -11.49 2.96 13.37
N MET A 338 -11.79 4.02 12.61
CA MET A 338 -12.70 3.90 11.47
C MET A 338 -12.02 3.35 10.22
N SER A 339 -10.71 3.39 10.16
CA SER A 339 -9.97 2.76 9.06
C SER A 339 -10.11 1.24 9.11
N ALA A 340 -10.00 0.67 10.30
CA ALA A 340 -10.20 -0.77 10.46
C ALA A 340 -11.60 -1.18 9.99
N PHE A 341 -12.59 -0.40 10.37
CA PHE A 341 -13.99 -0.68 10.03
C PHE A 341 -14.20 -0.56 8.52
N TRP A 342 -13.67 0.49 7.91
CA TRP A 342 -13.85 0.70 6.48
C TRP A 342 -13.33 -0.43 5.68
N TYR A 343 -12.18 -0.94 6.12
CA TYR A 343 -11.55 -2.06 5.45
C TYR A 343 -12.37 -3.37 5.64
N ALA A 344 -12.91 -3.61 6.83
CA ALA A 344 -13.64 -4.86 7.13
C ALA A 344 -14.93 -5.00 6.31
N VAL A 345 -15.79 -4.01 6.43
CA VAL A 345 -17.02 -3.95 5.65
C VAL A 345 -16.70 -4.04 4.15
N ARG A 346 -15.67 -3.29 3.72
CA ARG A 346 -15.18 -3.33 2.33
C ARG A 346 -14.99 -4.75 1.85
N THR A 347 -14.17 -5.50 2.57
CA THR A 347 -13.92 -6.88 2.27
C THR A 347 -15.21 -7.68 2.33
N ALA A 348 -15.92 -7.59 3.46
CA ALA A 348 -17.16 -8.34 3.70
C ALA A 348 -18.22 -8.16 2.60
N VAL A 349 -18.40 -6.92 2.15
CA VAL A 349 -19.42 -6.60 1.14
C VAL A 349 -19.05 -7.11 -0.25
N ILE A 350 -17.84 -6.78 -0.70
CA ILE A 350 -17.35 -7.22 -2.02
C ILE A 350 -17.29 -8.77 -2.08
N ASN A 351 -17.00 -9.38 -0.93
CA ASN A 351 -16.93 -10.84 -0.82
C ASN A 351 -18.26 -11.53 -1.08
N ALA A 352 -19.21 -11.36 -0.16
CA ALA A 352 -20.53 -11.97 -0.27
C ALA A 352 -21.16 -11.67 -1.63
N ALA A 353 -20.90 -10.46 -2.13
CA ALA A 353 -21.44 -10.02 -3.41
C ALA A 353 -20.83 -10.77 -4.59
N SER A 354 -19.53 -11.08 -4.48
CA SER A 354 -18.79 -11.83 -5.51
C SER A 354 -18.94 -13.36 -5.36
N GLY A 355 -19.62 -13.79 -4.30
CA GLY A 355 -19.81 -15.20 -4.04
C GLY A 355 -18.57 -15.84 -3.48
N ARG A 356 -17.54 -15.03 -3.22
CA ARG A 356 -16.26 -15.52 -2.68
C ARG A 356 -16.51 -16.15 -1.31
N GLN A 357 -17.68 -15.86 -0.74
CA GLN A 357 -18.11 -16.43 0.52
C GLN A 357 -19.57 -16.04 0.76
N THR A 358 -20.17 -16.65 1.77
CA THR A 358 -21.53 -16.35 2.21
C THR A 358 -21.68 -14.94 2.80
N VAL A 359 -22.85 -14.67 3.38
CA VAL A 359 -23.11 -13.40 4.02
C VAL A 359 -22.68 -13.45 5.48
N ASP A 360 -23.01 -14.52 6.18
CA ASP A 360 -22.70 -14.64 7.61
C ASP A 360 -21.18 -14.67 7.86
N GLU A 361 -20.46 -15.38 7.01
CA GLU A 361 -19.01 -15.52 7.15
C GLU A 361 -18.28 -14.19 6.88
N ALA A 362 -18.77 -13.42 5.92
CA ALA A 362 -18.16 -12.14 5.56
C ALA A 362 -18.25 -11.14 6.73
N LEU A 363 -19.35 -11.20 7.47
CA LEU A 363 -19.61 -10.30 8.59
C LEU A 363 -18.87 -10.76 9.82
N LYS A 364 -18.77 -12.07 10.01
CA LYS A 364 -18.00 -12.64 11.11
C LYS A 364 -16.52 -12.26 11.02
N ASP A 365 -16.04 -12.13 9.78
CA ASP A 365 -14.67 -11.72 9.52
C ASP A 365 -14.51 -10.22 9.70
N ALA A 366 -15.46 -9.45 9.15
CA ALA A 366 -15.46 -7.99 9.29
C ALA A 366 -15.61 -7.59 10.75
N GLN A 367 -16.23 -8.49 11.54
CA GLN A 367 -16.45 -8.29 12.96
C GLN A 367 -15.16 -8.14 13.74
N THR A 368 -14.19 -9.00 13.48
CA THR A 368 -12.91 -8.97 14.20
C THR A 368 -12.03 -7.84 13.68
N ASN A 369 -11.96 -7.71 12.35
CA ASN A 369 -11.19 -6.66 11.67
C ASN A 369 -11.46 -5.23 12.16
N ALA A 370 -12.73 -4.91 12.40
CA ALA A 370 -13.12 -3.60 12.90
C ALA A 370 -12.60 -3.43 14.33
N ALA A 371 -12.77 -4.47 15.16
CA ALA A 371 -12.25 -4.49 16.55
C ALA A 371 -10.74 -4.76 16.58
N ALA A 372 -10.15 -4.98 15.41
CA ALA A 372 -8.71 -5.14 15.27
C ALA A 372 -8.06 -3.78 15.33
N GLU A 373 -7.17 -3.58 16.30
CA GLU A 373 -6.45 -2.31 16.44
C GLU A 373 -5.22 -2.23 15.53
N PHE A 374 -5.01 -3.25 14.71
CA PHE A 374 -3.86 -3.28 13.82
C PHE A 374 -4.25 -3.12 12.35
N LEU A 375 -5.41 -2.51 12.10
CA LEU A 375 -5.83 -2.24 10.72
C LEU A 375 -6.05 -0.73 10.47
N ASP A 376 -5.65 0.07 11.45
CA ASP A 376 -5.86 1.51 11.43
C ASP A 376 -4.88 2.25 10.54
N SER A 377 -3.69 1.68 10.39
CA SER A 377 -2.67 2.24 9.51
C SER A 377 -1.73 1.16 9.00
N ILE A 378 -1.10 1.45 7.86
CA ILE A 378 -0.13 0.56 7.21
C ILE A 378 0.95 0.11 8.19
N HIS A 379 1.38 1.01 9.07
CA HIS A 379 2.40 0.73 10.08
C HIS A 379 1.92 -0.27 11.07
N GLU A 380 0.80 -0.01 11.70
CA GLU A 380 0.32 -0.88 12.76
C GLU A 380 0.12 -2.31 12.20
N THR A 381 -0.38 -2.38 10.97
CA THR A 381 -0.72 -3.67 10.34
C THR A 381 0.54 -4.43 10.00
N SER A 382 1.55 -3.71 9.52
CA SER A 382 2.82 -4.33 9.20
C SER A 382 3.50 -4.84 10.47
N ALA A 383 3.37 -4.07 11.55
CA ALA A 383 3.93 -4.48 12.84
C ALA A 383 3.36 -5.82 13.26
N ARG A 384 2.12 -6.04 12.85
CA ARG A 384 1.40 -7.27 13.17
C ARG A 384 1.90 -8.40 12.30
N LEU A 385 2.07 -8.12 11.00
CA LEU A 385 2.54 -9.18 10.08
C LEU A 385 3.85 -9.77 10.60
N LEU A 386 4.72 -8.88 11.05
CA LEU A 386 6.02 -9.27 11.53
C LEU A 386 5.96 -10.01 12.85
N PHE A 387 5.03 -9.65 13.71
CA PHE A 387 4.92 -10.29 15.01
C PHE A 387 4.41 -11.70 14.82
N MET A 388 3.45 -11.89 13.92
CA MET A 388 2.96 -13.24 13.63
C MET A 388 4.09 -14.10 13.05
N ALA A 389 5.02 -13.47 12.35
CA ALA A 389 6.17 -14.17 11.81
C ALA A 389 6.97 -14.80 12.94
N VAL A 390 7.36 -13.99 13.92
CA VAL A 390 8.16 -14.51 15.02
C VAL A 390 7.35 -15.53 15.79
N LYS A 391 6.09 -15.19 16.06
CA LYS A 391 5.17 -16.10 16.76
C LYS A 391 5.11 -17.44 16.03
N TRP A 392 5.02 -17.36 14.71
CA TRP A 392 5.10 -18.55 13.86
C TRP A 392 6.37 -19.33 14.08
N ALA A 393 7.52 -18.65 13.96
CA ALA A 393 8.82 -19.29 14.15
C ALA A 393 8.96 -19.95 15.52
N LYS A 394 8.47 -19.30 16.56
CA LYS A 394 8.56 -19.90 17.91
C LYS A 394 7.67 -21.13 18.07
N ASN A 395 6.59 -21.21 17.30
CA ASN A 395 5.67 -22.34 17.36
C ASN A 395 6.22 -23.60 16.69
N LEU A 396 7.31 -23.46 15.93
CA LEU A 396 7.99 -24.60 15.34
C LEU A 396 8.84 -25.26 16.41
N PRO A 397 8.53 -26.52 16.74
CA PRO A 397 9.31 -27.20 17.77
C PRO A 397 10.77 -27.26 17.43
N VAL A 398 11.12 -27.56 16.19
CA VAL A 398 12.54 -27.65 15.81
C VAL A 398 13.29 -26.34 16.06
N PHE A 399 12.55 -25.22 16.13
CA PHE A 399 13.14 -23.88 16.30
C PHE A 399 13.62 -23.63 17.74
N SER A 400 12.74 -23.88 18.71
CA SER A 400 13.09 -23.70 20.12
C SER A 400 14.27 -24.58 20.54
N SER A 401 14.47 -25.70 19.85
CA SER A 401 15.61 -26.57 20.10
C SER A 401 16.94 -26.00 19.56
N LEU A 402 16.95 -24.75 19.13
CA LEU A 402 18.16 -24.16 18.57
C LEU A 402 18.81 -23.20 19.57
N PRO A 403 20.16 -23.09 19.53
CA PRO A 403 20.85 -22.15 20.36
C PRO A 403 20.15 -20.78 20.35
N PHE A 404 19.60 -20.39 21.50
CA PHE A 404 18.97 -19.11 21.65
C PHE A 404 19.53 -18.00 20.73
N ARG A 405 20.82 -17.74 20.80
CA ARG A 405 21.40 -16.76 19.93
C ARG A 405 21.11 -17.10 18.44
N ASP A 406 21.18 -18.39 18.07
CA ASP A 406 20.85 -18.81 16.71
C ASP A 406 19.41 -18.39 16.31
N GLN A 407 18.47 -18.51 17.24
CA GLN A 407 17.09 -18.09 16.98
C GLN A 407 17.01 -16.57 16.71
N VAL A 408 17.74 -15.80 17.53
CA VAL A 408 17.78 -14.36 17.36
C VAL A 408 18.41 -14.03 16.03
N ILE A 409 19.59 -14.57 15.77
CA ILE A 409 20.30 -14.30 14.54
C ILE A 409 19.46 -14.62 13.30
N LEU A 410 18.76 -15.74 13.35
CA LEU A 410 17.95 -16.20 12.23
C LEU A 410 16.82 -15.24 11.90
N LEU A 411 16.06 -14.85 12.91
CA LEU A 411 14.99 -13.87 12.77
C LEU A 411 15.48 -12.50 12.31
N GLU A 412 16.54 -11.97 12.90
CA GLU A 412 17.02 -10.66 12.49
C GLU A 412 17.48 -10.65 11.04
N GLU A 413 18.21 -11.69 10.63
CA GLU A 413 18.80 -11.72 9.31
C GLU A 413 17.80 -11.96 8.15
N ALA A 414 16.61 -12.42 8.47
CA ALA A 414 15.63 -12.75 7.43
C ALA A 414 14.26 -12.12 7.71
N TRP A 415 14.20 -10.97 8.38
CA TRP A 415 12.95 -10.38 8.80
C TRP A 415 12.22 -9.83 7.59
N SER A 416 12.94 -9.24 6.66
CA SER A 416 12.40 -8.65 5.45
C SER A 416 11.67 -9.71 4.58
N GLU A 417 12.29 -10.86 4.43
CA GLU A 417 11.75 -11.92 3.60
C GLU A 417 10.60 -12.54 4.33
N LEU A 418 10.76 -12.70 5.63
CA LEU A 418 9.71 -13.31 6.47
C LEU A 418 8.48 -12.43 6.54
N PHE A 419 8.66 -11.12 6.53
CA PHE A 419 7.56 -10.19 6.54
C PHE A 419 6.86 -10.21 5.18
N LEU A 420 7.62 -10.02 4.10
CA LEU A 420 7.08 -10.03 2.73
C LEU A 420 6.27 -11.28 2.44
N LEU A 421 6.78 -12.44 2.80
CA LEU A 421 5.99 -13.66 2.62
C LEU A 421 4.67 -13.53 3.36
N GLY A 422 4.73 -12.99 4.57
CA GLY A 422 3.55 -12.86 5.40
C GLY A 422 2.53 -11.91 4.82
N ALA A 423 3.00 -10.75 4.33
CA ALA A 423 2.17 -9.75 3.69
C ALA A 423 1.56 -10.29 2.39
N ILE A 424 2.35 -11.04 1.64
CA ILE A 424 1.94 -11.55 0.37
C ILE A 424 0.83 -12.56 0.58
N GLN A 425 1.07 -13.51 1.46
CA GLN A 425 0.05 -14.52 1.79
C GLN A 425 -1.25 -13.88 2.27
N TRP A 426 -1.09 -12.90 3.14
CA TRP A 426 -2.22 -12.18 3.71
C TRP A 426 -3.02 -11.47 2.66
N SER A 427 -2.38 -11.05 1.58
CA SER A 427 -3.06 -10.28 0.55
C SER A 427 -3.34 -11.07 -0.72
N LEU A 428 -3.25 -12.40 -0.65
CA LEU A 428 -3.55 -13.23 -1.81
C LEU A 428 -5.03 -13.14 -2.13
N PRO A 429 -5.89 -13.50 -1.15
CA PRO A 429 -7.33 -13.48 -1.40
C PRO A 429 -7.79 -12.09 -1.83
N LEU A 430 -7.71 -11.12 -0.93
CA LEU A 430 -8.21 -9.75 -1.20
C LEU A 430 -7.47 -9.08 -2.35
N ASP A 431 -7.97 -7.91 -2.79
CA ASP A 431 -7.35 -7.17 -3.89
C ASP A 431 -6.77 -5.81 -3.53
N SER A 432 -6.55 -5.57 -2.24
CA SER A 432 -5.99 -4.30 -1.76
C SER A 432 -5.87 -4.30 -0.24
N CYS A 433 -4.67 -4.08 0.27
CA CYS A 433 -4.47 -4.02 1.71
C CYS A 433 -3.40 -3.02 2.17
N PRO A 434 -2.11 -3.22 1.79
CA PRO A 434 -1.16 -2.25 2.33
C PRO A 434 -0.26 -1.52 1.32
N LEU A 435 -0.71 -1.28 0.09
CA LEU A 435 0.18 -0.56 -0.85
C LEU A 435 -0.44 0.47 -1.81
N LEU A 436 -1.66 0.23 -2.30
CA LEU A 436 -2.30 1.13 -3.26
C LEU A 436 -2.19 2.59 -2.80
N ALA A 437 -1.91 3.47 -3.75
CA ALA A 437 -1.69 4.91 -3.48
C ALA A 437 -2.51 5.87 -4.35
N PRO A 438 -2.54 5.67 -5.69
CA PRO A 438 -3.30 6.60 -6.54
C PRO A 438 -4.83 6.39 -6.47
N PRO A 439 -5.61 7.48 -6.62
CA PRO A 439 -7.07 7.41 -6.59
C PRO A 439 -7.65 6.84 -7.89
N LEU A 451 5.11 7.18 -11.07
CA LEU A 451 6.33 7.88 -11.49
C LEU A 451 7.40 7.89 -10.38
N THR A 452 7.00 8.28 -9.16
CA THR A 452 7.91 8.29 -8.02
C THR A 452 8.46 6.89 -7.75
N LEU A 453 9.47 6.81 -6.87
CA LEU A 453 10.08 5.55 -6.49
C LEU A 453 9.10 4.64 -5.75
N ALA A 454 8.43 5.18 -4.73
CA ALA A 454 7.43 4.40 -4.00
C ALA A 454 6.28 3.91 -4.89
N SER A 455 6.32 4.26 -6.18
CA SER A 455 5.33 3.83 -7.16
C SER A 455 5.83 2.71 -8.09
N MET A 456 7.11 2.77 -8.46
CA MET A 456 7.72 1.72 -9.29
C MET A 456 7.89 0.42 -8.51
N GLU A 457 8.10 0.56 -7.19
CA GLU A 457 8.30 -0.57 -6.29
C GLU A 457 6.97 -1.28 -6.01
N THR A 458 5.95 -0.47 -5.77
CA THR A 458 4.56 -0.95 -5.68
C THR A 458 4.22 -1.87 -6.86
N ARG A 459 4.62 -1.46 -8.06
CA ARG A 459 4.41 -2.25 -9.27
C ARG A 459 5.06 -3.61 -9.12
N VAL A 460 6.32 -3.61 -8.73
CA VAL A 460 7.06 -4.85 -8.58
C VAL A 460 6.43 -5.69 -7.47
N LEU A 461 6.09 -5.02 -6.37
CA LEU A 461 5.51 -5.71 -5.25
C LEU A 461 4.12 -6.27 -5.57
N GLN A 462 3.40 -5.66 -6.50
CA GLN A 462 2.09 -6.20 -6.88
C GLN A 462 2.29 -7.29 -7.94
N GLU A 463 3.30 -7.09 -8.77
CA GLU A 463 3.71 -8.11 -9.74
C GLU A 463 4.09 -9.46 -9.07
N THR A 464 4.83 -9.40 -7.97
CA THR A 464 5.26 -10.63 -7.28
C THR A 464 4.04 -11.34 -6.64
N ILE A 465 3.09 -10.56 -6.15
CA ILE A 465 1.84 -11.14 -5.61
C ILE A 465 1.09 -11.92 -6.68
N SER A 466 1.01 -11.35 -7.88
CA SER A 466 0.40 -12.06 -9.03
C SER A 466 1.07 -13.41 -9.25
N ARG A 467 2.40 -13.40 -9.17
CA ARG A 467 3.15 -14.62 -9.35
C ARG A 467 2.75 -15.68 -8.34
N PHE A 468 2.53 -15.29 -7.08
CA PHE A 468 2.13 -16.26 -6.03
C PHE A 468 0.70 -16.75 -6.23
N ARG A 469 -0.09 -15.89 -6.86
CA ARG A 469 -1.50 -16.20 -7.12
C ARG A 469 -1.58 -17.15 -8.28
N ALA A 470 -0.92 -16.81 -9.37
CA ALA A 470 -0.92 -17.72 -10.55
C ALA A 470 -0.44 -19.12 -10.22
N LEU A 471 0.55 -19.23 -9.35
CA LEU A 471 1.10 -20.51 -8.95
C LEU A 471 0.23 -21.23 -7.92
N ALA A 472 -0.75 -20.49 -7.40
CA ALA A 472 -1.70 -21.02 -6.42
C ALA A 472 -0.92 -21.64 -5.26
N VAL A 473 -0.23 -20.79 -4.49
CA VAL A 473 0.54 -21.23 -3.34
C VAL A 473 -0.40 -21.42 -2.13
N ASP A 474 -0.50 -22.66 -1.63
CA ASP A 474 -1.32 -22.97 -0.46
C ASP A 474 -0.57 -22.73 0.86
N PRO A 475 -1.27 -22.82 2.01
CA PRO A 475 -0.58 -22.56 3.29
C PRO A 475 0.64 -23.44 3.61
N THR A 476 0.61 -24.71 3.23
CA THR A 476 1.74 -25.60 3.54
C THR A 476 3.00 -25.17 2.78
N GLU A 477 2.78 -24.63 1.57
CA GLU A 477 3.88 -24.12 0.75
C GLU A 477 4.42 -22.81 1.34
N PHE A 478 3.54 -21.98 1.87
CA PHE A 478 3.97 -20.75 2.51
C PHE A 478 4.72 -21.09 3.80
N ALA A 479 4.33 -22.15 4.48
CA ALA A 479 5.02 -22.57 5.72
C ALA A 479 6.41 -23.05 5.39
N CYS A 480 6.52 -23.85 4.35
CA CYS A 480 7.82 -24.39 3.92
C CYS A 480 8.76 -23.31 3.43
N MET A 481 8.20 -22.41 2.62
CA MET A 481 8.96 -21.31 2.06
C MET A 481 9.47 -20.40 3.19
N LYS A 482 8.64 -20.18 4.20
CA LYS A 482 9.10 -19.39 5.31
C LYS A 482 10.28 -20.07 6.00
N ALA A 483 10.21 -21.41 6.15
CA ALA A 483 11.28 -22.19 6.77
C ALA A 483 12.55 -22.13 5.95
N LEU A 484 12.39 -22.12 4.64
CA LEU A 484 13.52 -22.06 3.74
C LEU A 484 14.20 -20.72 3.88
N VAL A 485 13.42 -19.71 4.19
CA VAL A 485 13.90 -18.35 4.35
C VAL A 485 14.52 -18.09 5.74
N LEU A 486 14.00 -18.78 6.73
CA LEU A 486 14.48 -18.64 8.09
C LEU A 486 15.76 -19.43 8.32
N PHE A 487 15.77 -20.69 7.91
CA PHE A 487 16.88 -21.55 8.21
C PHE A 487 17.98 -21.42 7.18
N LYS A 488 18.68 -20.29 7.18
CA LYS A 488 19.81 -20.11 6.30
C LYS A 488 21.10 -20.44 7.05
N PRO A 489 21.70 -21.62 6.76
CA PRO A 489 22.89 -22.10 7.46
C PRO A 489 24.16 -21.30 7.17
N GLU A 490 24.16 -20.43 6.15
CA GLU A 490 25.34 -19.62 5.80
C GLU A 490 25.38 -18.35 6.60
N THR A 491 24.36 -18.10 7.42
CA THR A 491 24.31 -16.86 8.17
C THR A 491 25.48 -16.80 9.15
N ARG A 492 26.15 -15.66 9.15
CA ARG A 492 27.29 -15.46 10.00
C ARG A 492 26.85 -15.36 11.46
N GLY A 493 27.62 -16.02 12.33
CA GLY A 493 27.42 -15.93 13.77
C GLY A 493 26.86 -17.19 14.37
N LEU A 494 26.16 -17.99 13.56
CA LEU A 494 25.44 -19.17 14.05
C LEU A 494 26.35 -20.11 14.84
N LYS A 495 25.84 -20.62 15.95
CA LYS A 495 26.58 -21.58 16.80
C LYS A 495 26.53 -23.02 16.31
N ASP A 496 25.33 -23.49 15.99
CA ASP A 496 25.13 -24.82 15.42
C ASP A 496 24.60 -24.77 13.98
N PRO A 497 25.45 -24.33 13.03
CA PRO A 497 25.04 -24.20 11.64
C PRO A 497 24.66 -25.49 10.98
N GLU A 498 25.22 -26.60 11.46
CA GLU A 498 24.90 -27.90 10.88
C GLU A 498 23.43 -28.20 11.11
N HIS A 499 22.90 -27.85 12.27
CA HIS A 499 21.51 -28.21 12.55
C HIS A 499 20.61 -27.45 11.61
N VAL A 500 20.91 -26.17 11.43
CA VAL A 500 20.13 -25.28 10.56
C VAL A 500 20.11 -25.87 9.15
N GLU A 501 21.26 -26.31 8.65
CA GLU A 501 21.32 -26.94 7.34
C GLU A 501 20.35 -28.10 7.23
N ALA A 502 20.18 -28.84 8.31
CA ALA A 502 19.36 -30.02 8.28
C ALA A 502 17.94 -29.56 8.17
N LEU A 503 17.59 -28.54 8.94
CA LEU A 503 16.19 -28.06 8.96
C LEU A 503 15.81 -27.48 7.59
N GLN A 504 16.74 -26.75 6.97
CA GLN A 504 16.45 -26.18 5.68
C GLN A 504 16.25 -27.31 4.69
N ASP A 505 17.17 -28.27 4.73
CA ASP A 505 17.09 -29.45 3.88
C ASP A 505 15.80 -30.22 4.09
N GLN A 506 15.39 -30.43 5.33
CA GLN A 506 14.11 -31.07 5.58
C GLN A 506 12.96 -30.28 4.96
N SER A 507 12.92 -28.97 5.20
CA SER A 507 11.83 -28.13 4.69
C SER A 507 11.76 -28.25 3.17
N GLN A 508 12.92 -28.43 2.58
CA GLN A 508 13.01 -28.54 1.15
C GLN A 508 12.33 -29.81 0.69
N VAL A 509 12.68 -30.92 1.34
CA VAL A 509 12.09 -32.22 1.04
C VAL A 509 10.58 -32.22 1.26
N MET A 510 10.16 -31.66 2.38
CA MET A 510 8.74 -31.57 2.71
C MET A 510 8.01 -30.74 1.68
N LEU A 511 8.70 -29.73 1.13
CA LEU A 511 8.09 -28.82 0.15
C LEU A 511 7.84 -29.49 -1.20
N SER A 512 8.81 -30.25 -1.68
CA SER A 512 8.63 -30.96 -2.95
C SER A 512 7.66 -32.11 -2.76
N GLN A 513 7.88 -32.90 -1.71
CA GLN A 513 6.97 -34.00 -1.39
C GLN A 513 5.53 -33.52 -1.46
N HIS A 514 5.27 -32.33 -0.96
CA HIS A 514 3.93 -31.75 -0.93
C HIS A 514 3.49 -31.22 -2.27
N SER A 515 4.45 -30.71 -3.05
CA SER A 515 4.22 -30.12 -4.38
C SER A 515 3.82 -31.17 -5.43
N LYS A 516 4.63 -32.22 -5.52
CA LYS A 516 4.35 -33.35 -6.41
C LYS A 516 3.10 -34.12 -5.97
N ALA A 517 2.71 -33.95 -4.70
CA ALA A 517 1.50 -34.56 -4.14
C ALA A 517 0.22 -33.78 -4.47
N HIS A 518 0.24 -32.46 -4.37
CA HIS A 518 -0.93 -31.64 -4.74
C HIS A 518 -1.02 -31.18 -6.19
N HIS A 519 -0.01 -31.51 -7.00
CA HIS A 519 0.03 -31.09 -8.40
C HIS A 519 0.91 -32.03 -9.17
N PRO A 520 0.47 -33.30 -9.27
CA PRO A 520 1.25 -34.35 -9.93
C PRO A 520 1.56 -34.04 -11.40
N SER A 521 0.72 -33.22 -12.04
CA SER A 521 0.90 -32.91 -13.46
C SER A 521 2.02 -31.91 -13.74
N GLN A 522 2.31 -31.04 -12.78
CA GLN A 522 3.37 -30.01 -12.92
C GLN A 522 4.66 -30.53 -12.29
N PRO A 523 5.55 -31.10 -13.12
CA PRO A 523 6.78 -31.72 -12.61
C PRO A 523 7.84 -30.71 -12.23
N VAL A 524 7.64 -29.46 -12.58
CA VAL A 524 8.58 -28.40 -12.29
C VAL A 524 8.05 -27.42 -11.23
N ARG A 525 6.92 -27.72 -10.62
CA ARG A 525 6.33 -26.79 -9.64
C ARG A 525 7.29 -26.46 -8.50
N PHE A 526 8.02 -27.45 -8.02
CA PHE A 526 8.94 -27.24 -6.92
C PHE A 526 9.87 -26.10 -7.27
N GLY A 527 10.55 -26.23 -8.40
CA GLY A 527 11.51 -25.24 -8.83
C GLY A 527 10.87 -23.89 -8.84
N LYS A 528 9.69 -23.82 -9.42
CA LYS A 528 8.96 -22.56 -9.56
C LYS A 528 8.79 -21.85 -8.21
N LEU A 529 8.36 -22.59 -7.21
CA LEU A 529 8.13 -22.05 -5.89
C LEU A 529 9.42 -21.43 -5.27
N LEU A 530 10.56 -22.10 -5.45
CA LEU A 530 11.83 -21.53 -5.01
C LEU A 530 12.24 -20.33 -5.86
N LEU A 531 11.82 -20.30 -7.12
CA LEU A 531 12.13 -19.19 -7.97
C LEU A 531 11.35 -17.92 -7.64
N LEU A 532 10.46 -18.00 -6.65
CA LEU A 532 9.76 -16.81 -6.13
C LEU A 532 10.57 -16.14 -5.04
N LEU A 533 11.44 -16.92 -4.38
CA LEU A 533 12.18 -16.44 -3.23
C LEU A 533 13.00 -15.16 -3.49
N PRO A 534 13.68 -15.06 -4.66
CA PRO A 534 14.44 -13.87 -5.01
C PRO A 534 13.64 -12.58 -5.00
N SER A 535 12.41 -12.65 -5.44
CA SER A 535 11.58 -11.47 -5.46
C SER A 535 11.49 -10.90 -4.07
N LEU A 536 11.71 -11.72 -3.04
CA LEU A 536 11.55 -11.27 -1.66
C LEU A 536 12.70 -10.35 -1.32
N ARG A 537 13.68 -10.28 -2.21
CA ARG A 537 14.84 -9.45 -1.99
C ARG A 537 14.98 -8.33 -3.00
N PHE A 538 14.10 -8.29 -4.02
CA PHE A 538 14.16 -7.23 -5.01
C PHE A 538 14.21 -5.83 -4.37
N ILE A 539 13.31 -5.59 -3.43
CA ILE A 539 13.33 -4.33 -2.66
C ILE A 539 14.18 -4.56 -1.41
N THR A 540 15.19 -3.72 -1.21
CA THR A 540 16.07 -3.88 -0.05
C THR A 540 15.31 -3.78 1.27
N ALA A 541 15.86 -4.41 2.31
CA ALA A 541 15.26 -4.41 3.65
C ALA A 541 15.14 -3.00 4.18
N GLU A 542 16.10 -2.15 3.78
CA GLU A 542 16.13 -0.76 4.21
C GLU A 542 14.85 -0.10 3.69
N ARG A 543 14.68 -0.13 2.37
CA ARG A 543 13.48 0.43 1.72
C ARG A 543 12.21 -0.16 2.34
N ILE A 544 12.10 -1.48 2.33
CA ILE A 544 10.93 -2.12 2.88
C ILE A 544 10.58 -1.52 4.24
N GLU A 545 11.58 -1.02 4.94
CA GLU A 545 11.39 -0.52 6.28
C GLU A 545 10.80 0.87 6.22
N LEU A 546 11.35 1.69 5.34
CA LEU A 546 10.84 3.03 5.11
C LEU A 546 9.45 3.05 4.47
N LEU A 547 8.94 1.90 4.03
CA LEU A 547 7.63 1.84 3.38
C LEU A 547 6.55 1.33 4.29
N PHE A 548 6.71 0.12 4.81
CA PHE A 548 5.63 -0.52 5.57
C PHE A 548 5.74 -0.35 7.06
N PHE A 549 6.88 0.18 7.53
CA PHE A 549 7.13 0.28 8.98
C PHE A 549 7.41 1.69 9.47
N ARG A 550 7.33 1.85 10.79
CA ARG A 550 7.51 3.13 11.42
C ARG A 550 8.94 3.41 11.91
N LYS A 551 9.02 4.47 12.72
CA LYS A 551 10.22 4.98 13.40
C LYS A 551 11.10 3.88 14.02
N THR A 552 12.41 4.10 14.00
CA THR A 552 13.37 3.15 14.57
C THR A 552 14.74 3.79 14.86
N ILE A 553 15.28 4.49 13.86
CA ILE A 553 16.60 5.16 13.96
C ILE A 553 17.70 4.12 14.20
N GLY A 554 18.49 3.89 13.15
CA GLY A 554 19.59 2.91 13.22
C GLY A 554 19.17 1.60 13.87
N ASN A 555 18.00 1.09 13.47
CA ASN A 555 17.44 -0.15 14.01
C ASN A 555 16.64 -0.89 12.93
N THR A 556 16.18 -2.10 13.27
CA THR A 556 15.42 -2.96 12.39
C THR A 556 14.12 -3.28 13.08
N PRO A 557 13.00 -3.31 12.34
CA PRO A 557 11.72 -3.65 12.94
C PRO A 557 11.79 -4.91 13.80
N MET A 558 12.50 -5.92 13.32
CA MET A 558 12.74 -7.15 14.10
C MET A 558 13.59 -6.89 15.36
N GLU A 559 14.69 -6.20 15.14
CA GLU A 559 15.59 -5.81 16.24
C GLU A 559 14.81 -5.05 17.33
N LYS A 560 13.91 -4.17 16.90
CA LYS A 560 13.02 -3.45 17.81
C LYS A 560 12.02 -4.40 18.45
N LEU A 561 11.30 -5.16 17.62
CA LEU A 561 10.33 -6.13 18.13
C LEU A 561 10.97 -7.08 19.15
N LEU A 562 12.17 -7.57 18.85
CA LEU A 562 12.85 -8.53 19.74
C LEU A 562 13.30 -7.86 21.00
N SER A 563 13.90 -6.69 20.87
CA SER A 563 14.26 -5.89 22.03
C SER A 563 13.04 -5.54 22.91
N ASP A 564 11.91 -5.29 22.26
CA ASP A 564 10.68 -5.00 22.95
C ASP A 564 10.21 -6.19 23.76
N MET A 565 10.39 -7.40 23.25
CA MET A 565 9.96 -8.60 23.98
C MET A 565 10.94 -8.88 25.11
N PHE A 566 12.15 -8.34 24.99
CA PHE A 566 13.20 -8.49 25.99
C PHE A 566 12.94 -7.61 27.20
N LYS A 567 12.43 -6.40 26.94
CA LYS A 567 12.15 -5.44 28.01
C LYS A 567 10.67 -5.37 28.38
N ASN A 568 9.98 -6.50 28.29
CA ASN A 568 8.54 -6.58 28.61
C ASN A 568 8.23 -7.80 29.48
N ILE B 331 43.74 23.02 -11.22
CA ILE B 331 44.07 22.42 -12.55
C ILE B 331 44.02 20.92 -12.46
N MET B 332 43.64 20.28 -13.57
CA MET B 332 43.55 18.81 -13.64
C MET B 332 44.89 18.21 -14.05
N PRO B 333 45.53 17.43 -13.16
CA PRO B 333 46.78 16.76 -13.49
C PRO B 333 46.67 15.92 -14.76
N ASN B 334 47.47 16.26 -15.78
CA ASN B 334 47.47 15.53 -17.04
C ASN B 334 48.18 14.19 -16.84
N ILE B 335 47.48 13.25 -16.21
CA ILE B 335 48.02 11.91 -15.93
C ILE B 335 46.97 10.83 -16.20
N PRO B 336 47.42 9.58 -16.46
CA PRO B 336 46.49 8.46 -16.66
C PRO B 336 45.87 7.96 -15.35
N GLN B 337 46.66 7.97 -14.27
CA GLN B 337 46.23 7.51 -12.94
C GLN B 337 45.66 8.66 -12.08
N MET B 338 44.42 8.99 -12.36
CA MET B 338 43.73 10.10 -11.70
C MET B 338 42.19 9.86 -11.74
N SER B 339 41.77 8.81 -12.44
CA SER B 339 40.38 8.41 -12.51
C SER B 339 39.81 8.12 -11.13
N ALA B 340 40.53 7.27 -10.38
CA ALA B 340 40.11 6.83 -9.04
C ALA B 340 39.74 7.98 -8.14
N PHE B 341 40.14 9.19 -8.55
CA PHE B 341 39.88 10.41 -7.80
C PHE B 341 38.40 10.51 -7.38
N TRP B 342 37.54 10.68 -8.38
CA TRP B 342 36.10 10.90 -8.16
C TRP B 342 35.42 9.56 -7.99
N TYR B 343 35.93 8.55 -8.70
CA TYR B 343 35.42 7.18 -8.62
C TYR B 343 35.40 6.65 -7.18
N ALA B 344 36.26 7.21 -6.33
CA ALA B 344 36.27 6.91 -4.90
C ALA B 344 35.35 7.85 -4.13
N VAL B 345 35.43 9.14 -4.46
CA VAL B 345 34.64 10.17 -3.77
C VAL B 345 33.15 9.96 -4.03
N ARG B 346 32.83 9.69 -5.29
CA ARG B 346 31.46 9.40 -5.71
C ARG B 346 30.81 8.34 -4.84
N THR B 347 31.43 7.16 -4.82
CA THR B 347 30.96 6.04 -4.02
C THR B 347 30.89 6.45 -2.54
N ALA B 348 31.77 7.36 -2.14
CA ALA B 348 31.84 7.84 -0.77
C ALA B 348 30.67 8.75 -0.44
N VAL B 349 30.56 9.86 -1.16
CA VAL B 349 29.50 10.85 -0.93
C VAL B 349 28.08 10.26 -1.08
N ILE B 350 27.92 9.33 -2.01
CA ILE B 350 26.64 8.63 -2.22
C ILE B 350 26.30 7.66 -1.08
N ASN B 351 27.29 6.87 -0.66
CA ASN B 351 27.10 5.89 0.42
C ASN B 351 26.86 6.57 1.77
N ALA B 352 27.52 7.71 1.96
CA ALA B 352 27.34 8.52 3.18
C ALA B 352 25.93 9.10 3.22
N ALA B 353 25.54 9.74 2.12
CA ALA B 353 24.21 10.32 1.99
C ALA B 353 23.12 9.26 1.79
N SER B 354 23.35 8.04 2.26
CA SER B 354 22.37 6.94 2.11
C SER B 354 21.95 6.36 3.44
N GLY B 355 22.90 6.18 4.35
CA GLY B 355 22.59 5.63 5.68
C GLY B 355 23.35 4.36 6.03
N ARG B 356 23.72 3.58 5.03
CA ARG B 356 24.54 2.39 5.25
C ARG B 356 26.01 2.75 5.43
N GLN B 357 26.27 4.01 5.78
CA GLN B 357 27.60 4.52 6.06
C GLN B 357 27.47 5.94 6.65
N THR B 358 28.02 6.14 7.84
CA THR B 358 28.04 7.45 8.51
C THR B 358 29.17 8.33 7.96
N VAL B 359 29.09 9.62 8.29
CA VAL B 359 30.03 10.65 7.80
C VAL B 359 31.49 10.14 7.72
N ASP B 360 32.06 9.84 8.89
CA ASP B 360 33.46 9.40 9.00
C ASP B 360 33.67 8.04 8.33
N GLU B 361 32.69 7.15 8.50
CA GLU B 361 32.75 5.81 7.89
C GLU B 361 32.45 5.89 6.39
N ALA B 362 33.41 6.44 5.64
CA ALA B 362 33.21 6.71 4.22
C ALA B 362 34.44 7.35 3.60
N LEU B 363 34.94 8.41 4.23
CA LEU B 363 36.13 9.11 3.74
C LEU B 363 37.36 8.21 3.87
N LYS B 364 37.38 7.35 4.90
CA LYS B 364 38.49 6.40 5.11
C LYS B 364 38.63 5.48 3.91
N ASP B 365 37.50 4.91 3.50
CA ASP B 365 37.44 4.03 2.34
C ASP B 365 37.86 4.80 1.08
N ALA B 366 37.24 5.95 0.86
CA ALA B 366 37.60 6.83 -0.27
C ALA B 366 39.10 7.17 -0.26
N GLN B 367 39.64 7.31 0.95
CA GLN B 367 41.05 7.60 1.16
C GLN B 367 41.91 6.43 0.69
N THR B 368 41.57 5.22 1.17
CA THR B 368 42.28 4.00 0.76
C THR B 368 41.81 3.47 -0.61
N ASN B 369 40.93 4.22 -1.27
CA ASN B 369 40.40 3.87 -2.60
C ASN B 369 40.98 4.76 -3.69
N ALA B 370 40.81 6.06 -3.49
CA ALA B 370 41.40 7.06 -4.37
C ALA B 370 42.90 6.80 -4.53
N ALA B 371 43.57 6.64 -3.39
CA ALA B 371 44.98 6.27 -3.35
C ALA B 371 45.20 4.90 -3.98
N ALA B 372 44.20 4.03 -3.82
CA ALA B 372 44.23 2.70 -4.39
C ALA B 372 43.98 2.74 -5.90
N GLU B 373 44.95 3.29 -6.62
CA GLU B 373 44.80 3.42 -8.06
C GLU B 373 45.15 2.07 -8.69
N PHE B 374 46.15 1.41 -8.12
CA PHE B 374 46.72 0.18 -8.68
C PHE B 374 45.71 -0.64 -9.48
N LEU B 375 44.68 -1.15 -8.80
CA LEU B 375 43.68 -2.00 -9.41
C LEU B 375 42.30 -1.30 -9.43
N ASP B 376 42.11 -0.45 -10.45
CA ASP B 376 40.83 0.23 -10.67
C ASP B 376 40.50 0.32 -12.17
N SER B 377 41.53 0.24 -13.00
CA SER B 377 41.36 0.27 -14.44
C SER B 377 40.74 -1.04 -14.91
N ILE B 378 41.36 -2.14 -14.48
CA ILE B 378 40.99 -3.49 -14.87
C ILE B 378 39.60 -3.86 -14.30
N HIS B 379 39.25 -3.29 -13.16
CA HIS B 379 37.91 -3.48 -12.58
C HIS B 379 36.81 -2.95 -13.46
N GLU B 380 36.91 -1.68 -13.85
CA GLU B 380 35.95 -1.04 -14.76
C GLU B 380 35.93 -1.83 -16.08
N THR B 381 37.03 -2.51 -16.38
CA THR B 381 37.15 -3.36 -17.56
C THR B 381 36.60 -4.76 -17.22
N SER B 382 35.65 -4.81 -16.25
CA SER B 382 34.70 -5.96 -16.01
C SER B 382 33.44 -5.85 -16.90
N ALA B 383 33.61 -5.07 -17.98
CA ALA B 383 32.66 -4.99 -19.06
C ALA B 383 32.77 -6.22 -19.95
N ARG B 384 33.92 -6.88 -19.93
CA ARG B 384 34.15 -8.04 -20.77
C ARG B 384 33.32 -9.18 -20.24
N LEU B 385 32.96 -9.07 -18.95
CA LEU B 385 32.17 -10.07 -18.25
C LEU B 385 30.72 -9.94 -18.71
N LEU B 386 30.22 -8.72 -18.66
CA LEU B 386 28.88 -8.44 -19.11
C LEU B 386 28.78 -8.74 -20.57
N PHE B 387 29.80 -8.36 -21.32
CA PHE B 387 29.83 -8.57 -22.78
C PHE B 387 29.84 -10.06 -23.05
N MET B 388 30.52 -10.80 -22.17
CA MET B 388 30.54 -12.26 -22.22
C MET B 388 29.17 -12.86 -21.87
N ALA B 389 28.38 -12.16 -21.08
CA ALA B 389 27.02 -12.59 -20.75
C ALA B 389 26.11 -12.43 -21.95
N VAL B 390 26.28 -11.35 -22.71
CA VAL B 390 25.48 -11.18 -23.91
C VAL B 390 25.91 -12.17 -24.98
N LYS B 391 27.22 -12.37 -25.12
CA LYS B 391 27.74 -13.29 -26.14
C LYS B 391 27.20 -14.70 -25.89
N TRP B 392 27.23 -15.14 -24.64
CA TRP B 392 26.68 -16.44 -24.25
C TRP B 392 25.24 -16.57 -24.62
N ALA B 393 24.42 -15.60 -24.23
CA ALA B 393 23.02 -15.58 -24.56
C ALA B 393 22.75 -15.60 -26.05
N LYS B 394 23.35 -14.67 -26.79
CA LYS B 394 23.23 -14.60 -28.26
C LYS B 394 23.65 -15.89 -28.97
N ASN B 395 24.55 -16.64 -28.36
CA ASN B 395 24.93 -17.95 -28.89
C ASN B 395 23.97 -19.08 -28.55
N LEU B 396 22.92 -18.81 -27.78
CA LEU B 396 21.90 -19.82 -27.49
C LEU B 396 20.82 -19.74 -28.56
N PRO B 397 20.71 -20.79 -29.37
CA PRO B 397 19.67 -20.82 -30.40
C PRO B 397 18.27 -20.49 -29.87
N VAL B 398 17.89 -21.09 -28.74
CA VAL B 398 16.57 -20.83 -28.18
C VAL B 398 16.35 -19.38 -27.81
N PHE B 399 17.40 -18.70 -27.41
CA PHE B 399 17.32 -17.26 -27.16
C PHE B 399 17.08 -16.46 -28.46
N SER B 400 17.88 -16.78 -29.47
CA SER B 400 17.84 -16.09 -30.77
C SER B 400 16.62 -16.43 -31.58
N SER B 401 15.77 -17.30 -31.04
CA SER B 401 14.49 -17.65 -31.64
C SER B 401 13.34 -16.91 -30.97
N LEU B 402 13.62 -16.13 -29.92
CA LEU B 402 12.58 -15.28 -29.29
C LEU B 402 12.39 -13.99 -30.09
N PRO B 403 11.19 -13.40 -29.99
CA PRO B 403 11.03 -12.04 -30.52
C PRO B 403 12.21 -11.13 -30.16
N PHE B 404 12.64 -10.33 -31.12
CA PHE B 404 13.82 -9.46 -30.91
C PHE B 404 13.70 -8.66 -29.61
N ARG B 405 12.58 -8.02 -29.40
CA ARG B 405 12.38 -7.22 -28.24
C ARG B 405 12.50 -8.05 -26.95
N ASP B 406 11.88 -9.23 -26.96
CA ASP B 406 12.02 -10.14 -25.83
C ASP B 406 13.50 -10.37 -25.43
N GLN B 407 14.36 -10.53 -26.42
CA GLN B 407 15.76 -10.72 -26.15
C GLN B 407 16.31 -9.50 -25.41
N VAL B 408 16.07 -8.33 -25.99
CA VAL B 408 16.51 -7.06 -25.39
C VAL B 408 15.95 -6.93 -23.98
N ILE B 409 14.67 -7.22 -23.81
CA ILE B 409 14.04 -7.10 -22.52
C ILE B 409 14.69 -8.03 -21.46
N LEU B 410 14.88 -9.28 -21.82
CA LEU B 410 15.41 -10.23 -20.86
C LEU B 410 16.85 -9.88 -20.43
N LEU B 411 17.67 -9.49 -21.37
CA LEU B 411 19.03 -9.04 -21.06
C LEU B 411 19.10 -7.75 -20.23
N GLU B 412 18.23 -6.81 -20.52
CA GLU B 412 18.24 -5.58 -19.78
C GLU B 412 17.82 -5.84 -18.35
N GLU B 413 16.86 -6.73 -18.17
CA GLU B 413 16.27 -6.95 -16.84
C GLU B 413 17.09 -7.89 -15.95
N ALA B 414 18.05 -8.58 -16.53
CA ALA B 414 18.82 -9.55 -15.80
C ALA B 414 20.35 -9.30 -15.81
N TRP B 415 20.79 -8.17 -16.36
CA TRP B 415 22.23 -7.92 -16.55
C TRP B 415 22.98 -8.07 -15.24
N SER B 416 22.48 -7.42 -14.20
CA SER B 416 23.04 -7.48 -12.85
C SER B 416 23.39 -8.92 -12.36
N GLU B 417 22.40 -9.81 -12.41
CA GLU B 417 22.57 -11.19 -12.01
C GLU B 417 23.44 -11.99 -13.00
N LEU B 418 23.37 -11.70 -14.30
CA LEU B 418 24.21 -12.42 -15.25
C LEU B 418 25.68 -12.00 -14.99
N PHE B 419 25.84 -10.73 -14.66
CA PHE B 419 27.15 -10.21 -14.30
C PHE B 419 27.68 -10.87 -13.05
N LEU B 420 26.87 -10.85 -11.99
CA LEU B 420 27.27 -11.51 -10.74
C LEU B 420 27.65 -12.95 -11.00
N LEU B 421 26.76 -13.73 -11.59
CA LEU B 421 27.04 -15.14 -11.85
C LEU B 421 28.38 -15.28 -12.55
N GLY B 422 28.62 -14.38 -13.51
CA GLY B 422 29.93 -14.32 -14.16
C GLY B 422 31.09 -14.08 -13.20
N ALA B 423 30.97 -13.01 -12.43
CA ALA B 423 31.94 -12.62 -11.43
C ALA B 423 32.21 -13.74 -10.40
N ILE B 424 31.14 -14.34 -9.88
CA ILE B 424 31.22 -15.45 -8.91
C ILE B 424 31.98 -16.61 -9.47
N GLN B 425 31.76 -16.88 -10.76
CA GLN B 425 32.43 -17.98 -11.47
C GLN B 425 33.88 -17.60 -11.81
N TRP B 426 34.13 -16.30 -11.92
CA TRP B 426 35.46 -15.80 -12.25
C TRP B 426 36.36 -15.99 -11.05
N SER B 427 35.90 -15.54 -9.88
CA SER B 427 36.70 -15.55 -8.65
C SER B 427 36.56 -16.83 -7.83
N LEU B 428 35.90 -17.83 -8.41
CA LEU B 428 35.63 -19.07 -7.70
C LEU B 428 36.95 -19.80 -7.34
N PRO B 429 37.82 -20.05 -8.33
CA PRO B 429 39.06 -20.79 -8.03
C PRO B 429 40.12 -19.97 -7.26
N LEU B 430 39.83 -18.69 -7.04
CA LEU B 430 40.75 -17.80 -6.32
C LEU B 430 40.75 -18.03 -4.82
N ASP B 431 41.78 -17.49 -4.17
CA ASP B 431 41.91 -17.47 -2.72
C ASP B 431 42.05 -16.04 -2.21
N SER B 432 42.55 -15.16 -3.09
CA SER B 432 42.65 -13.74 -2.84
C SER B 432 41.81 -13.01 -3.87
N CYS B 433 42.01 -11.69 -4.01
CA CYS B 433 41.17 -10.87 -4.90
C CYS B 433 41.84 -9.53 -5.21
N PRO B 434 41.23 -8.72 -6.11
CA PRO B 434 41.69 -7.35 -6.36
C PRO B 434 40.93 -6.34 -5.49
N LEU B 435 40.58 -6.74 -4.27
CA LEU B 435 39.84 -5.87 -3.35
C LEU B 435 39.68 -6.45 -1.93
N LEU B 436 40.74 -7.01 -1.35
CA LEU B 436 40.69 -7.56 0.03
C LEU B 436 40.22 -6.50 1.01
N ALA B 437 39.90 -6.91 2.24
CA ALA B 437 39.31 -5.95 3.18
C ALA B 437 39.60 -6.09 4.68
N PRO B 438 39.41 -7.31 5.26
CA PRO B 438 39.47 -7.23 6.73
C PRO B 438 40.64 -7.84 7.56
N PRO B 439 41.55 -8.64 6.97
CA PRO B 439 42.58 -9.24 7.88
C PRO B 439 43.67 -8.25 8.39
N GLU B 440 44.83 -8.23 7.75
CA GLU B 440 45.95 -7.35 8.14
C GLU B 440 46.91 -7.16 6.96
N ALA B 447 45.17 -3.93 2.29
CA ALA B 447 44.53 -3.49 1.05
C ALA B 447 45.30 -2.34 0.41
N GLN B 448 46.35 -2.66 -0.35
CA GLN B 448 47.23 -1.63 -0.94
C GLN B 448 47.02 -1.52 -2.45
N GLY B 449 46.51 -0.36 -2.87
CA GLY B 449 46.26 -0.09 -4.27
C GLY B 449 44.94 -0.64 -4.81
N ARG B 450 44.28 -1.51 -4.05
CA ARG B 450 43.08 -2.21 -4.50
C ARG B 450 41.83 -1.53 -4.00
N LEU B 451 40.73 -1.74 -4.71
CA LEU B 451 39.46 -1.10 -4.39
C LEU B 451 38.95 -1.62 -3.06
N THR B 452 38.74 -0.73 -2.11
CA THR B 452 38.24 -1.11 -0.80
C THR B 452 36.72 -1.06 -0.81
N LEU B 453 36.11 -2.19 -1.13
CA LEU B 453 34.66 -2.31 -1.16
C LEU B 453 34.04 -1.96 0.20
N ALA B 454 32.80 -1.50 0.19
CA ALA B 454 32.09 -1.14 1.42
C ALA B 454 31.95 -2.34 2.37
N SER B 455 31.34 -2.11 3.52
CA SER B 455 31.22 -3.14 4.57
C SER B 455 30.26 -4.28 4.19
N MET B 456 28.96 -3.98 4.17
CA MET B 456 27.94 -4.96 3.81
C MET B 456 28.20 -5.56 2.42
N GLU B 457 28.72 -4.78 1.49
CA GLU B 457 29.06 -5.27 0.16
C GLU B 457 29.98 -6.49 0.23
N THR B 458 31.19 -6.26 0.72
CA THR B 458 32.21 -7.31 0.85
C THR B 458 31.70 -8.49 1.66
N ARG B 459 31.10 -8.17 2.80
CA ARG B 459 30.54 -9.17 3.70
C ARG B 459 29.64 -10.15 2.93
N VAL B 460 28.78 -9.59 2.07
CA VAL B 460 27.82 -10.38 1.32
C VAL B 460 28.43 -10.99 0.06
N LEU B 461 29.18 -10.18 -0.69
CA LEU B 461 29.86 -10.66 -1.87
C LEU B 461 30.82 -11.83 -1.54
N GLN B 462 31.68 -11.63 -0.55
CA GLN B 462 32.58 -12.70 -0.11
C GLN B 462 31.81 -13.94 0.32
N GLU B 463 30.82 -13.74 1.14
CA GLU B 463 30.00 -14.83 1.64
C GLU B 463 29.28 -15.62 0.54
N THR B 464 28.59 -14.91 -0.36
CA THR B 464 27.86 -15.54 -1.45
C THR B 464 28.79 -16.40 -2.34
N ILE B 465 30.02 -15.93 -2.60
CA ILE B 465 31.02 -16.67 -3.39
C ILE B 465 31.42 -17.96 -2.69
N SER B 466 31.55 -17.88 -1.37
CA SER B 466 31.90 -19.04 -0.56
C SER B 466 30.88 -20.13 -0.72
N ARG B 467 29.60 -19.77 -0.67
CA ARG B 467 28.53 -20.76 -0.83
C ARG B 467 28.65 -21.52 -2.10
N PHE B 468 29.03 -20.81 -3.19
CA PHE B 468 29.21 -21.42 -4.51
C PHE B 468 30.44 -22.30 -4.51
N ARG B 469 31.48 -21.85 -3.80
CA ARG B 469 32.68 -22.65 -3.67
C ARG B 469 32.41 -23.88 -2.83
N ALA B 470 31.62 -23.75 -1.78
CA ALA B 470 31.28 -24.90 -0.90
C ALA B 470 30.51 -25.97 -1.63
N LEU B 471 29.81 -25.57 -2.69
CA LEU B 471 29.18 -26.53 -3.58
C LEU B 471 30.09 -26.82 -4.77
N ALA B 472 29.80 -27.91 -5.47
CA ALA B 472 30.63 -28.29 -6.62
C ALA B 472 30.15 -27.56 -7.87
N VAL B 473 29.82 -26.26 -7.77
CA VAL B 473 29.03 -25.60 -8.81
C VAL B 473 29.90 -25.61 -10.08
N ASP B 474 29.58 -26.52 -11.00
CA ASP B 474 30.45 -26.74 -12.14
C ASP B 474 30.01 -25.90 -13.31
N PRO B 475 30.81 -25.91 -14.39
CA PRO B 475 30.49 -25.03 -15.51
C PRO B 475 29.05 -25.15 -16.10
N THR B 476 28.54 -26.36 -16.21
CA THR B 476 27.22 -26.53 -16.77
C THR B 476 26.17 -26.01 -15.78
N GLU B 477 26.36 -26.32 -14.50
CA GLU B 477 25.47 -25.79 -13.45
C GLU B 477 25.39 -24.27 -13.48
N PHE B 478 26.49 -23.61 -13.83
CA PHE B 478 26.50 -22.15 -13.97
C PHE B 478 25.69 -21.75 -15.21
N ALA B 479 25.90 -22.47 -16.31
CA ALA B 479 25.21 -22.18 -17.57
C ALA B 479 23.69 -22.30 -17.33
N CYS B 480 23.31 -23.31 -16.57
CA CYS B 480 21.91 -23.52 -16.29
C CYS B 480 21.32 -22.38 -15.48
N MET B 481 22.06 -21.95 -14.46
CA MET B 481 21.60 -20.89 -13.58
C MET B 481 21.55 -19.61 -14.37
N LYS B 482 22.47 -19.43 -15.30
CA LYS B 482 22.43 -18.22 -16.10
C LYS B 482 21.09 -18.21 -16.83
N ALA B 483 20.77 -19.36 -17.42
CA ALA B 483 19.53 -19.52 -18.15
C ALA B 483 18.32 -19.24 -17.29
N LEU B 484 18.34 -19.78 -16.07
CA LEU B 484 17.23 -19.58 -15.13
C LEU B 484 17.06 -18.13 -14.80
N VAL B 485 18.13 -17.38 -14.79
CA VAL B 485 18.05 -15.99 -14.42
C VAL B 485 17.62 -15.12 -15.61
N LEU B 486 17.99 -15.58 -16.81
CA LEU B 486 17.65 -14.87 -18.04
C LEU B 486 16.19 -15.04 -18.44
N PHE B 487 15.75 -16.29 -18.50
CA PHE B 487 14.38 -16.64 -18.94
C PHE B 487 13.32 -16.45 -17.84
N LYS B 488 13.06 -15.18 -17.51
CA LYS B 488 12.03 -14.84 -16.52
C LYS B 488 10.70 -14.42 -17.18
N PRO B 489 9.69 -15.32 -17.18
CA PRO B 489 8.37 -15.08 -17.81
C PRO B 489 7.59 -13.88 -17.26
N GLU B 490 7.58 -13.72 -15.94
CA GLU B 490 6.93 -12.57 -15.29
C GLU B 490 7.37 -11.24 -15.84
N THR B 491 8.54 -11.17 -16.47
CA THR B 491 9.10 -9.90 -16.94
C THR B 491 8.08 -9.22 -17.85
N ARG B 492 7.72 -8.00 -17.51
CA ARG B 492 6.74 -7.26 -18.26
C ARG B 492 7.26 -6.74 -19.56
N GLY B 493 6.37 -6.71 -20.54
CA GLY B 493 6.70 -6.30 -21.92
C GLY B 493 7.02 -7.44 -22.87
N LEU B 494 7.14 -8.66 -22.33
CA LEU B 494 7.48 -9.81 -23.15
C LEU B 494 6.33 -10.05 -24.14
N LYS B 495 6.67 -10.20 -25.40
CA LYS B 495 5.67 -10.42 -26.40
C LYS B 495 5.24 -11.87 -26.42
N ASP B 496 6.12 -12.77 -25.96
CA ASP B 496 5.87 -14.22 -25.97
C ASP B 496 6.38 -14.89 -24.68
N PRO B 497 5.75 -14.55 -23.55
CA PRO B 497 6.15 -15.04 -22.24
C PRO B 497 5.94 -16.54 -22.04
N GLU B 498 4.91 -17.11 -22.64
CA GLU B 498 4.68 -18.54 -22.50
C GLU B 498 5.89 -19.31 -22.95
N HIS B 499 6.54 -18.83 -23.99
CA HIS B 499 7.74 -19.50 -24.50
C HIS B 499 8.94 -19.32 -23.56
N VAL B 500 9.10 -18.12 -22.99
CA VAL B 500 10.14 -17.87 -22.00
C VAL B 500 9.97 -18.81 -20.79
N GLU B 501 8.71 -19.09 -20.43
CA GLU B 501 8.39 -20.05 -19.37
C GLU B 501 8.87 -21.46 -19.75
N ALA B 502 8.59 -21.85 -20.98
CA ALA B 502 9.00 -23.15 -21.46
C ALA B 502 10.52 -23.34 -21.34
N LEU B 503 11.28 -22.36 -21.79
CA LEU B 503 12.73 -22.40 -21.77
C LEU B 503 13.32 -22.45 -20.35
N GLN B 504 12.73 -21.68 -19.44
CA GLN B 504 13.17 -21.71 -18.07
C GLN B 504 12.90 -23.06 -17.46
N ASP B 505 11.69 -23.57 -17.63
CA ASP B 505 11.36 -24.92 -17.16
C ASP B 505 12.31 -26.01 -17.72
N GLN B 506 12.74 -25.83 -18.96
CA GLN B 506 13.65 -26.75 -19.57
C GLN B 506 15.01 -26.66 -18.91
N SER B 507 15.35 -25.47 -18.44
CA SER B 507 16.61 -25.22 -17.73
C SER B 507 16.62 -25.89 -16.38
N GLN B 508 15.48 -25.93 -15.72
CA GLN B 508 15.36 -26.67 -14.47
C GLN B 508 15.70 -28.13 -14.70
N VAL B 509 15.14 -28.70 -15.77
CA VAL B 509 15.34 -30.09 -16.05
C VAL B 509 16.80 -30.33 -16.33
N MET B 510 17.45 -29.37 -16.99
CA MET B 510 18.89 -29.49 -17.29
C MET B 510 19.74 -29.52 -16.01
N LEU B 511 19.46 -28.55 -15.15
CA LEU B 511 20.17 -28.39 -13.88
C LEU B 511 19.91 -29.57 -12.96
N SER B 512 18.67 -30.02 -12.88
CA SER B 512 18.32 -31.17 -12.05
C SER B 512 18.93 -32.45 -12.58
N GLN B 513 18.88 -32.63 -13.88
CA GLN B 513 19.44 -33.82 -14.52
C GLN B 513 20.93 -33.87 -14.26
N HIS B 514 21.59 -32.73 -14.38
CA HIS B 514 23.03 -32.69 -14.19
C HIS B 514 23.38 -32.89 -12.74
N SER B 515 22.71 -32.11 -11.90
CA SER B 515 22.97 -32.07 -10.47
C SER B 515 22.93 -33.45 -9.86
N LYS B 516 21.82 -34.15 -10.07
CA LYS B 516 21.58 -35.49 -9.49
C LYS B 516 22.49 -36.57 -10.11
N ALA B 517 22.92 -36.34 -11.33
CA ALA B 517 23.76 -37.31 -12.05
C ALA B 517 25.19 -37.26 -11.51
N HIS B 518 25.70 -36.06 -11.25
CA HIS B 518 27.07 -35.92 -10.76
C HIS B 518 27.18 -36.02 -9.25
N HIS B 519 26.04 -35.99 -8.54
CA HIS B 519 26.02 -36.02 -7.09
C HIS B 519 24.82 -36.78 -6.59
N PRO B 520 24.80 -38.10 -6.84
CA PRO B 520 23.73 -38.94 -6.31
C PRO B 520 23.66 -38.90 -4.79
N SER B 521 24.81 -38.68 -4.16
CA SER B 521 24.91 -38.58 -2.69
C SER B 521 24.16 -37.38 -2.10
N GLN B 522 24.13 -36.25 -2.80
CA GLN B 522 23.42 -35.05 -2.32
C GLN B 522 21.97 -35.00 -2.83
N PRO B 523 21.02 -35.38 -1.98
CA PRO B 523 19.63 -35.52 -2.39
C PRO B 523 18.89 -34.21 -2.61
N VAL B 524 19.28 -33.18 -1.88
CA VAL B 524 18.57 -31.89 -1.93
C VAL B 524 19.41 -30.79 -2.65
N ARG B 525 20.35 -31.21 -3.49
CA ARG B 525 21.30 -30.29 -4.14
C ARG B 525 20.68 -29.37 -5.19
N PHE B 526 19.70 -29.87 -5.95
CA PHE B 526 18.98 -29.06 -6.94
C PHE B 526 18.44 -27.80 -6.27
N GLY B 527 17.73 -27.97 -5.17
CA GLY B 527 17.18 -26.82 -4.43
C GLY B 527 18.25 -25.87 -3.96
N LYS B 528 19.29 -26.42 -3.34
CA LYS B 528 20.41 -25.62 -2.82
C LYS B 528 20.96 -24.71 -3.90
N LEU B 529 21.01 -25.22 -5.14
CA LEU B 529 21.46 -24.38 -6.27
C LEU B 529 20.50 -23.25 -6.51
N LEU B 530 19.21 -23.56 -6.56
CA LEU B 530 18.18 -22.52 -6.71
C LEU B 530 18.13 -21.58 -5.54
N LEU B 531 18.47 -22.06 -4.34
CA LEU B 531 18.50 -21.18 -3.15
C LEU B 531 19.69 -20.22 -3.13
N LEU B 532 20.61 -20.41 -4.07
CA LEU B 532 21.67 -19.43 -4.35
C LEU B 532 21.23 -18.23 -5.22
N LEU B 533 20.09 -18.36 -5.91
CA LEU B 533 19.61 -17.30 -6.79
C LEU B 533 19.24 -15.97 -6.11
N PRO B 534 18.65 -16.03 -4.94
CA PRO B 534 18.27 -14.78 -4.28
C PRO B 534 19.50 -13.89 -3.96
N SER B 535 20.67 -14.49 -3.76
CA SER B 535 21.87 -13.71 -3.38
C SER B 535 22.32 -12.78 -4.50
N LEU B 536 21.96 -13.12 -5.74
CA LEU B 536 22.26 -12.28 -6.89
C LEU B 536 21.50 -10.94 -6.85
N ARG B 537 20.57 -10.80 -5.92
CA ARG B 537 19.78 -9.59 -5.78
C ARG B 537 20.04 -8.90 -4.46
N PHE B 538 20.90 -9.46 -3.62
CA PHE B 538 21.17 -8.87 -2.29
C PHE B 538 21.69 -7.46 -2.48
N ILE B 539 22.54 -7.31 -3.47
CA ILE B 539 23.01 -6.00 -3.88
C ILE B 539 22.34 -5.56 -5.19
N THR B 540 21.55 -4.50 -5.12
CA THR B 540 20.82 -3.98 -6.29
C THR B 540 21.70 -3.75 -7.52
N ALA B 541 21.06 -3.60 -8.67
CA ALA B 541 21.75 -3.40 -9.95
C ALA B 541 22.41 -2.05 -10.03
N GLU B 542 21.78 -1.08 -9.37
CA GLU B 542 22.25 0.31 -9.37
C GLU B 542 23.62 0.35 -8.69
N ARG B 543 23.72 -0.34 -7.56
CA ARG B 543 24.94 -0.44 -6.82
C ARG B 543 25.98 -1.26 -7.59
N ILE B 544 25.56 -2.31 -8.26
CA ILE B 544 26.50 -3.05 -9.10
C ILE B 544 27.11 -2.12 -10.14
N GLU B 545 26.30 -1.21 -10.67
CA GLU B 545 26.81 -0.25 -11.64
C GLU B 545 27.83 0.69 -10.99
N LEU B 546 27.49 1.17 -9.83
CA LEU B 546 28.27 2.19 -9.18
C LEU B 546 29.57 1.63 -8.65
N LEU B 547 29.65 0.33 -8.42
CA LEU B 547 30.82 -0.26 -7.76
C LEU B 547 31.80 -0.91 -8.71
N PHE B 548 31.32 -1.58 -9.77
CA PHE B 548 32.22 -2.37 -10.64
C PHE B 548 32.28 -1.88 -12.07
N PHE B 549 31.51 -0.84 -12.38
CA PHE B 549 31.45 -0.31 -13.75
C PHE B 549 31.79 1.18 -13.79
N ARG B 550 32.39 1.56 -14.90
CA ARG B 550 32.69 2.96 -15.19
C ARG B 550 31.42 3.76 -15.43
N LYS B 551 31.55 5.09 -15.44
CA LYS B 551 30.42 6.00 -15.65
C LYS B 551 29.64 5.58 -16.88
N THR B 552 28.33 5.79 -16.83
CA THR B 552 27.47 5.50 -17.97
C THR B 552 26.35 6.51 -17.95
N ILE B 553 26.35 7.40 -18.94
CA ILE B 553 25.46 8.57 -18.97
C ILE B 553 23.98 8.16 -18.97
N GLY B 554 23.33 8.28 -17.80
CA GLY B 554 21.89 7.96 -17.62
C GLY B 554 21.43 6.51 -17.88
N ASN B 555 22.20 5.76 -18.65
CA ASN B 555 21.83 4.41 -19.05
C ASN B 555 22.51 3.35 -18.21
N THR B 556 21.88 2.19 -18.16
CA THR B 556 22.40 1.06 -17.44
C THR B 556 23.57 0.50 -18.25
N PRO B 557 24.51 -0.21 -17.60
CA PRO B 557 25.64 -0.78 -18.35
C PRO B 557 25.17 -1.64 -19.54
N MET B 558 24.09 -2.39 -19.35
CA MET B 558 23.55 -3.29 -20.40
C MET B 558 23.02 -2.51 -21.61
N GLU B 559 22.29 -1.42 -21.34
CA GLU B 559 21.76 -0.58 -22.39
C GLU B 559 22.89 -0.05 -23.24
N LYS B 560 23.87 0.53 -22.57
CA LYS B 560 25.02 1.07 -23.26
C LYS B 560 25.68 0.03 -24.16
N LEU B 561 25.72 -1.22 -23.73
CA LEU B 561 26.40 -2.26 -24.49
C LEU B 561 25.58 -2.68 -25.73
N LEU B 562 24.26 -2.65 -25.60
CA LEU B 562 23.38 -3.00 -26.71
C LEU B 562 23.30 -1.87 -27.71
N SER B 563 23.28 -0.64 -27.19
CA SER B 563 23.20 0.56 -28.03
C SER B 563 24.45 0.67 -28.94
N ASP B 564 25.62 0.52 -28.31
CA ASP B 564 26.91 0.59 -29.00
C ASP B 564 27.20 -0.69 -29.78
N MET B 565 26.22 -1.58 -29.82
CA MET B 565 26.30 -2.79 -30.62
C MET B 565 25.48 -2.59 -31.90
N PHE B 566 24.66 -1.53 -31.92
CA PHE B 566 23.80 -1.19 -33.05
C PHE B 566 24.22 0.08 -33.80
N LYS B 567 24.95 0.97 -33.13
CA LYS B 567 25.54 2.13 -33.80
C LYS B 567 26.38 1.71 -35.02
N ASN B 568 26.91 0.48 -34.97
CA ASN B 568 27.71 -0.11 -36.05
C ASN B 568 26.89 -0.31 -37.33
#